data_6OEY
#
_entry.id   6OEY
#
_cell.length_a   117.360
_cell.length_b   117.360
_cell.length_c   224.180
_cell.angle_alpha   90.00
_cell.angle_beta   90.00
_cell.angle_gamma   90.00
#
_symmetry.space_group_name_H-M   'P 43 21 2'
#
loop_
_entity.id
_entity.type
_entity.pdbx_description
1 polymer 'Trypanothione reductase'
2 non-polymer 'FLAVIN-ADENINE DINUCLEOTIDE'
3 non-polymer '4-(2-HYDROXYETHYL)-1-PIPERAZINE ETHANESULFONIC ACID'
4 non-polymer 'SULFATE ION'
5 non-polymer 5-{5-[1-(pyrrolidin-1-yl)cyclohexyl]-1,3-thiazol-2-yl}-1-{[(2S)-pyrrolidin-2-yl]methyl}-1H-indole
6 water water
#
_entity_poly.entity_id   1
_entity_poly.type   'polypeptide(L)'
_entity_poly.pdbx_seq_one_letter_code
;GSHMSKAFDLVVIGAGSGGLEAGWNAATLYGKRVAVVDVQTSHGPPFYAALGGTCVNVGCVPKKLMVTGAQYMDHLRESA
GFGWEFDGSSVKANWKKLIAAKNEAVLDINKSYEGMFNDTEGLDFFLGWGSLESKNVVVVRETADPKSAVKERLQADHIL
LATGSWPQMPAIPGIEHCISSNEAFYLPEPPRRVLTVGGGFISVEFAGIFNAYKPPGGKVTLCYRNNLILRGFDETIREE
VTKQLTANGIEIMTNENPAKVSLNTDGSKHVTFESGKTLDVDVVMMAIGRIPRTNDLQLGNVGVKLTPKGGVQVDEFSRT
NVPNIYAIGDITDRLMLTPVAINEGAALVDTVFGNKPRKTDHTRVASAVFSIPPIGTCGLIEEVAAKEFEKVAVYMSSFT
PLMHNISGSKYKKFVAKIVTNHSDGTVLGVHLLGDGAPEIIQAVGVCLRLNAKISDFYNTIGVHPTSAEELCSMRTPSYY
YVKGEKMEKLPDSNL
;
_entity_poly.pdbx_strand_id   B,A
#
loop_
_chem_comp.id
_chem_comp.type
_chem_comp.name
_chem_comp.formula
EPE non-polymer '4-(2-HYDROXYETHYL)-1-PIPERAZINE ETHANESULFONIC ACID' 'C8 H18 N2 O4 S'
FAD non-polymer 'FLAVIN-ADENINE DINUCLEOTIDE' 'C27 H33 N9 O15 P2'
M9S non-polymer 5-{5-[1-(pyrrolidin-1-yl)cyclohexyl]-1,3-thiazol-2-yl}-1-{[(2S)-pyrrolidin-2-yl]methyl}-1H-indole 'C26 H34 N4 S'
SO4 non-polymer 'SULFATE ION' 'O4 S -2'
#
# COMPACT_ATOMS: atom_id res chain seq x y z
N LYS A 6 22.64 -18.92 -39.04
CA LYS A 6 22.31 -18.57 -37.66
C LYS A 6 23.15 -17.39 -37.15
N ALA A 7 22.88 -16.19 -37.75
CA ALA A 7 23.59 -14.91 -37.53
C ALA A 7 22.67 -13.85 -36.89
N PHE A 8 22.84 -13.63 -35.58
CA PHE A 8 21.95 -12.80 -34.78
C PHE A 8 22.53 -11.44 -34.49
N ASP A 9 21.66 -10.44 -34.37
CA ASP A 9 22.10 -9.15 -33.86
C ASP A 9 22.50 -9.23 -32.39
N LEU A 10 21.78 -10.03 -31.60
CA LEU A 10 21.95 -10.12 -30.15
C LEU A 10 21.75 -11.57 -29.74
N VAL A 11 22.70 -12.12 -29.01
CA VAL A 11 22.53 -13.42 -28.35
C VAL A 11 22.61 -13.18 -26.86
N VAL A 12 21.55 -13.58 -26.15
CA VAL A 12 21.43 -13.44 -24.71
C VAL A 12 21.62 -14.81 -24.09
N ILE A 13 22.56 -14.90 -23.16
CA ILE A 13 22.74 -16.10 -22.37
C ILE A 13 22.03 -15.87 -21.05
N GLY A 14 20.88 -16.51 -20.86
CA GLY A 14 20.12 -16.39 -19.64
C GLY A 14 18.80 -15.72 -19.94
N ALA A 15 17.71 -16.48 -19.93
CA ALA A 15 16.38 -15.94 -20.24
C ALA A 15 15.65 -15.49 -18.96
N GLY A 16 16.27 -14.56 -18.23
CA GLY A 16 15.72 -14.14 -16.96
C GLY A 16 15.27 -12.71 -16.98
N SER A 17 15.31 -12.04 -15.83
CA SER A 17 14.66 -10.73 -15.73
C SER A 17 15.34 -9.75 -16.68
N GLY A 18 16.66 -9.65 -16.62
CA GLY A 18 17.33 -8.75 -17.52
C GLY A 18 17.35 -9.26 -18.95
N GLY A 19 17.72 -10.54 -19.15
CA GLY A 19 17.90 -11.05 -20.50
C GLY A 19 16.64 -10.96 -21.35
N LEU A 20 15.48 -11.31 -20.76
CA LEU A 20 14.23 -11.30 -21.49
C LEU A 20 13.80 -9.89 -21.83
N GLU A 21 13.99 -8.95 -20.92
CA GLU A 21 13.65 -7.58 -21.26
C GLU A 21 14.52 -7.06 -22.40
N ALA A 22 15.81 -7.39 -22.38
CA ALA A 22 16.69 -6.97 -23.46
C ALA A 22 16.29 -7.61 -24.79
N GLY A 23 16.02 -8.91 -24.76
CA GLY A 23 15.69 -9.62 -25.99
C GLY A 23 14.38 -9.14 -26.58
N TRP A 24 13.36 -9.03 -25.75
CA TRP A 24 12.06 -8.53 -26.21
C TRP A 24 12.17 -7.11 -26.77
N ASN A 25 12.88 -6.21 -26.07
CA ASN A 25 12.97 -4.85 -26.59
C ASN A 25 13.71 -4.82 -27.92
N ALA A 26 14.86 -5.49 -27.99
CA ALA A 26 15.63 -5.50 -29.23
C ALA A 26 14.80 -6.03 -30.40
N ALA A 27 14.01 -7.08 -30.16
CA ALA A 27 13.24 -7.68 -31.26
C ALA A 27 12.04 -6.81 -31.62
N THR A 28 11.29 -6.33 -30.63
CA THR A 28 10.02 -5.72 -30.94
C THR A 28 10.11 -4.21 -31.09
N LEU A 29 11.03 -3.53 -30.41
CA LEU A 29 11.15 -2.10 -30.59
C LEU A 29 12.06 -1.72 -31.74
N TYR A 30 13.08 -2.52 -32.06
CA TYR A 30 14.08 -2.13 -33.03
C TYR A 30 14.24 -3.11 -34.17
N GLY A 31 13.37 -4.12 -34.24
CA GLY A 31 13.39 -5.06 -35.35
C GLY A 31 14.59 -5.96 -35.46
N LYS A 32 15.28 -6.25 -34.36
CA LYS A 32 16.52 -7.00 -34.48
C LYS A 32 16.25 -8.49 -34.33
N ARG A 33 17.19 -9.28 -34.83
CA ARG A 33 17.11 -10.73 -34.73
C ARG A 33 17.87 -11.15 -33.47
N VAL A 34 17.15 -11.82 -32.56
CA VAL A 34 17.58 -12.09 -31.19
C VAL A 34 17.48 -13.58 -30.92
N ALA A 35 18.53 -14.13 -30.29
CA ALA A 35 18.50 -15.47 -29.72
C ALA A 35 18.67 -15.37 -28.21
N VAL A 36 17.91 -16.19 -27.48
CA VAL A 36 17.95 -16.26 -26.02
C VAL A 36 18.12 -17.72 -25.60
N VAL A 37 19.10 -17.99 -24.74
CA VAL A 37 19.47 -19.35 -24.32
C VAL A 37 19.08 -19.54 -22.85
N ASP A 38 18.44 -20.66 -22.53
CA ASP A 38 18.26 -21.02 -21.12
C ASP A 38 18.19 -22.54 -21.04
N VAL A 39 18.23 -23.06 -19.82
CA VAL A 39 18.55 -24.48 -19.59
C VAL A 39 17.31 -25.34 -19.36
N GLN A 40 16.16 -24.73 -19.10
CA GLN A 40 14.88 -25.41 -18.89
C GLN A 40 13.80 -24.45 -19.39
N THR A 41 12.64 -24.98 -19.79
CA THR A 41 11.53 -24.10 -20.14
C THR A 41 10.59 -23.84 -18.98
N SER A 42 10.74 -24.52 -17.85
CA SER A 42 9.87 -24.30 -16.70
C SER A 42 10.62 -24.61 -15.40
N HIS A 43 10.05 -24.09 -14.31
CA HIS A 43 10.69 -24.08 -13.00
C HIS A 43 10.99 -25.49 -12.50
N GLY A 44 11.98 -25.57 -11.61
CA GLY A 44 12.14 -26.76 -10.80
C GLY A 44 13.44 -27.51 -11.02
N PRO A 45 13.69 -28.48 -10.13
CA PRO A 45 14.83 -29.38 -10.32
C PRO A 45 14.82 -29.96 -11.72
N PRO A 46 16.00 -30.23 -12.30
CA PRO A 46 17.31 -30.17 -11.64
C PRO A 46 18.00 -28.82 -11.63
N PHE A 47 17.58 -27.85 -12.43
CA PHE A 47 18.34 -26.60 -12.54
C PHE A 47 17.66 -25.40 -11.91
N TYR A 48 16.40 -25.54 -11.49
CA TYR A 48 15.68 -24.63 -10.61
C TYR A 48 15.23 -23.41 -11.37
N ALA A 49 16.16 -22.51 -11.67
CA ALA A 49 15.83 -21.42 -12.55
C ALA A 49 15.62 -21.98 -13.97
N ALA A 50 15.08 -21.14 -14.84
CA ALA A 50 14.55 -21.55 -16.15
C ALA A 50 14.12 -20.31 -16.90
N LEU A 51 13.64 -20.51 -18.12
CA LEU A 51 12.89 -19.49 -18.83
C LEU A 51 12.04 -18.65 -17.87
N GLY A 52 12.29 -17.34 -17.85
CA GLY A 52 11.68 -16.41 -16.93
C GLY A 52 12.64 -15.91 -15.88
N GLY A 53 13.65 -16.72 -15.52
CA GLY A 53 14.72 -16.32 -14.64
C GLY A 53 14.52 -16.80 -13.22
N THR A 54 15.36 -16.25 -12.35
CA THR A 54 15.33 -16.64 -10.94
C THR A 54 14.12 -16.06 -10.22
N CYS A 55 13.75 -14.82 -10.53
CA CYS A 55 12.59 -14.19 -9.87
C CYS A 55 11.30 -14.99 -10.13
N VAL A 56 11.03 -15.29 -11.40
CA VAL A 56 9.82 -16.03 -11.78
C VAL A 56 9.82 -17.40 -11.16
N ASN A 57 10.95 -18.11 -11.23
CA ASN A 57 10.93 -19.54 -10.96
C ASN A 57 11.25 -19.91 -9.51
N VAL A 58 12.24 -19.27 -8.88
CA VAL A 58 12.72 -19.65 -7.55
C VAL A 58 13.13 -18.39 -6.79
N GLY A 59 12.33 -17.34 -6.95
CA GLY A 59 12.63 -16.07 -6.33
C GLY A 59 11.38 -15.31 -5.93
N CYS A 60 11.34 -14.05 -6.38
CA CYS A 60 10.34 -13.10 -5.92
C CYS A 60 8.92 -13.65 -6.08
N VAL A 61 8.63 -14.29 -7.20
CA VAL A 61 7.25 -14.67 -7.49
C VAL A 61 6.81 -15.79 -6.57
N PRO A 62 7.48 -16.95 -6.51
CA PRO A 62 6.99 -17.98 -5.58
C PRO A 62 7.15 -17.58 -4.12
N LYS A 63 8.22 -16.86 -3.74
CA LYS A 63 8.33 -16.49 -2.33
C LYS A 63 7.21 -15.54 -1.94
N LYS A 64 6.79 -14.65 -2.83
CA LYS A 64 5.68 -13.78 -2.47
C LYS A 64 4.39 -14.57 -2.30
N LEU A 65 4.11 -15.52 -3.17
CA LEU A 65 2.98 -16.41 -2.95
C LEU A 65 3.05 -17.13 -1.61
N MET A 66 4.25 -17.59 -1.23
CA MET A 66 4.37 -18.36 0.00
C MET A 66 4.27 -17.50 1.25
N VAL A 67 4.83 -16.28 1.22
CA VAL A 67 4.62 -15.34 2.32
C VAL A 67 3.13 -15.02 2.47
N THR A 68 2.47 -14.78 1.35
CA THR A 68 1.03 -14.58 1.35
C THR A 68 0.33 -15.72 2.05
N GLY A 69 0.72 -16.97 1.75
CA GLY A 69 0.13 -18.10 2.44
C GLY A 69 0.41 -18.05 3.93
N ALA A 70 1.63 -17.69 4.29
CA ALA A 70 2.01 -17.67 5.69
C ALA A 70 1.26 -16.59 6.47
N GLN A 71 0.94 -15.48 5.83
CA GLN A 71 0.20 -14.41 6.50
C GLN A 71 -1.16 -14.87 7.03
N TYR A 72 -1.77 -15.92 6.45
CA TYR A 72 -3.07 -16.39 6.95
C TYR A 72 -3.00 -16.92 8.38
N MET A 73 -1.83 -17.34 8.86
CA MET A 73 -1.71 -17.66 10.26
C MET A 73 -2.10 -16.46 11.13
N ASP A 74 -1.56 -15.28 10.79
CA ASP A 74 -1.89 -14.05 11.52
C ASP A 74 -3.33 -13.65 11.27
N HIS A 75 -3.77 -13.65 10.00
CA HIS A 75 -5.13 -13.23 9.70
C HIS A 75 -6.14 -14.06 10.50
N LEU A 76 -5.99 -15.39 10.49
CA LEU A 76 -7.00 -16.23 11.14
C LEU A 76 -7.07 -15.94 12.64
N ARG A 77 -5.92 -15.69 13.27
CA ARG A 77 -5.91 -15.35 14.69
C ARG A 77 -6.44 -13.93 14.93
N GLU A 78 -5.98 -12.96 14.12
CA GLU A 78 -6.38 -11.56 14.27
C GLU A 78 -7.86 -11.35 14.02
N SER A 79 -8.51 -12.22 13.24
CA SER A 79 -9.92 -12.04 12.93
C SER A 79 -10.80 -12.07 14.20
N ALA A 80 -10.33 -12.73 15.26
CA ALA A 80 -11.16 -12.90 16.45
C ALA A 80 -11.44 -11.55 17.13
N GLY A 81 -10.49 -10.61 17.10
CA GLY A 81 -10.70 -9.32 17.68
C GLY A 81 -11.78 -8.51 17.00
N PHE A 82 -12.10 -8.85 15.75
CA PHE A 82 -13.14 -8.20 14.96
C PHE A 82 -14.43 -8.99 14.96
N GLY A 83 -14.54 -10.01 15.82
CA GLY A 83 -15.77 -10.75 16.01
C GLY A 83 -15.88 -12.05 15.26
N TRP A 84 -14.82 -12.49 14.58
CA TRP A 84 -14.93 -13.71 13.79
C TRP A 84 -14.75 -14.88 14.75
N GLU A 85 -15.62 -15.85 14.66
CA GLU A 85 -15.57 -16.98 15.56
C GLU A 85 -15.50 -18.25 14.73
N PHE A 86 -14.64 -19.17 15.14
CA PHE A 86 -14.66 -20.51 14.56
C PHE A 86 -13.80 -21.43 15.43
N ASP A 87 -13.84 -22.72 15.10
CA ASP A 87 -13.13 -23.76 15.85
C ASP A 87 -11.63 -23.64 15.62
N GLY A 88 -10.96 -22.95 16.55
CA GLY A 88 -9.53 -22.72 16.41
C GLY A 88 -8.72 -23.99 16.37
N SER A 89 -9.21 -25.06 16.99
CA SER A 89 -8.48 -26.33 16.97
C SER A 89 -8.66 -27.09 15.66
N SER A 90 -9.59 -26.68 14.80
CA SER A 90 -9.69 -27.28 13.47
C SER A 90 -8.71 -26.68 12.46
N VAL A 91 -8.00 -25.59 12.81
CA VAL A 91 -7.12 -24.91 11.87
C VAL A 91 -5.88 -25.75 11.60
N LYS A 92 -5.61 -26.03 10.32
CA LYS A 92 -4.39 -26.72 9.91
C LYS A 92 -3.92 -26.14 8.58
N ALA A 93 -2.63 -26.20 8.36
CA ALA A 93 -2.02 -25.70 7.14
C ALA A 93 -1.43 -26.85 6.34
N ASN A 94 -1.88 -27.00 5.08
CA ASN A 94 -1.42 -28.05 4.18
C ASN A 94 -0.32 -27.50 3.28
N TRP A 95 0.93 -27.91 3.56
CA TRP A 95 2.10 -27.43 2.80
C TRP A 95 2.08 -27.93 1.35
N LYS A 96 1.73 -29.20 1.14
CA LYS A 96 1.66 -29.72 -0.21
C LYS A 96 0.73 -28.91 -1.08
N LYS A 97 -0.40 -28.47 -0.52
CA LYS A 97 -1.31 -27.64 -1.29
C LYS A 97 -0.67 -26.30 -1.64
N LEU A 98 0.04 -25.68 -0.69
CA LEU A 98 0.74 -24.43 -0.99
C LEU A 98 1.74 -24.61 -2.12
N ILE A 99 2.60 -25.63 -2.03
CA ILE A 99 3.60 -25.89 -3.07
C ILE A 99 2.94 -26.19 -4.41
N ALA A 100 1.88 -27.02 -4.41
CA ALA A 100 1.21 -27.36 -5.66
C ALA A 100 0.61 -26.12 -6.33
N ALA A 101 0.02 -25.23 -5.54
CA ALA A 101 -0.60 -24.03 -6.09
C ALA A 101 0.46 -23.07 -6.58
N LYS A 102 1.52 -22.90 -5.81
CA LYS A 102 2.64 -22.08 -6.27
C LYS A 102 3.19 -22.63 -7.58
N ASN A 103 3.30 -23.96 -7.71
CA ASN A 103 3.83 -24.57 -8.93
C ASN A 103 2.94 -24.26 -10.13
N GLU A 104 1.62 -24.33 -9.95
CA GLU A 104 0.71 -23.97 -11.03
C GLU A 104 0.88 -22.52 -11.46
N ALA A 105 1.03 -21.60 -10.50
CA ALA A 105 1.09 -20.18 -10.86
C ALA A 105 2.40 -19.85 -11.56
N VAL A 106 3.50 -20.47 -11.15
CA VAL A 106 4.79 -20.23 -11.82
C VAL A 106 4.76 -20.84 -13.21
N LEU A 107 4.17 -22.03 -13.32
CA LEU A 107 4.10 -22.70 -14.60
C LEU A 107 3.27 -21.92 -15.60
N ASP A 108 2.20 -21.26 -15.13
CA ASP A 108 1.45 -20.38 -16.04
C ASP A 108 2.35 -19.28 -16.61
N ILE A 109 3.28 -18.75 -15.83
CA ILE A 109 4.17 -17.73 -16.37
C ILE A 109 5.15 -18.36 -17.34
N ASN A 110 5.71 -19.53 -16.99
CA ASN A 110 6.59 -20.22 -17.92
C ASN A 110 5.89 -20.42 -19.27
N LYS A 111 4.64 -20.88 -19.23
CA LYS A 111 3.90 -21.15 -20.47
C LYS A 111 3.66 -19.87 -21.25
N SER A 112 3.43 -18.77 -20.53
CA SER A 112 3.20 -17.50 -21.19
C SER A 112 4.43 -17.06 -21.96
N TYR A 113 5.60 -17.11 -21.31
CA TYR A 113 6.84 -16.71 -21.98
C TYR A 113 7.15 -17.62 -23.16
N GLU A 114 6.80 -18.89 -23.07
CA GLU A 114 7.03 -19.77 -24.19
C GLU A 114 6.14 -19.38 -25.35
N GLY A 115 4.94 -18.89 -25.08
CA GLY A 115 4.11 -18.35 -26.15
C GLY A 115 4.69 -17.07 -26.74
N MET A 116 5.28 -16.21 -25.90
CA MET A 116 5.96 -15.01 -26.41
C MET A 116 7.01 -15.38 -27.47
N PHE A 117 7.82 -16.38 -27.19
CA PHE A 117 8.83 -16.81 -28.16
C PHE A 117 8.19 -17.37 -29.43
N ASN A 118 7.23 -18.29 -29.30
CA ASN A 118 6.60 -18.91 -30.46
C ASN A 118 6.00 -17.85 -31.40
N ASP A 119 5.45 -16.77 -30.87
CA ASP A 119 4.66 -15.84 -31.68
C ASP A 119 5.38 -14.56 -32.10
N THR A 120 6.60 -14.30 -31.62
CA THR A 120 7.22 -13.00 -31.80
C THR A 120 8.35 -13.14 -32.81
N GLU A 121 8.27 -12.38 -33.89
CA GLU A 121 9.20 -12.55 -34.99
C GLU A 121 10.58 -12.04 -34.62
N GLY A 122 11.60 -12.80 -35.02
CA GLY A 122 12.95 -12.45 -34.66
C GLY A 122 13.29 -12.62 -33.19
N LEU A 123 12.53 -13.41 -32.42
CA LEU A 123 12.83 -13.69 -31.02
C LEU A 123 12.79 -15.19 -30.86
N ASP A 124 13.96 -15.82 -30.76
CA ASP A 124 14.08 -17.27 -30.79
C ASP A 124 14.73 -17.75 -29.50
N PHE A 125 14.22 -18.86 -28.99
CA PHE A 125 14.69 -19.50 -27.78
C PHE A 125 15.47 -20.76 -28.12
N PHE A 126 16.60 -20.94 -27.45
CA PHE A 126 17.44 -22.12 -27.60
C PHE A 126 17.64 -22.75 -26.23
N LEU A 127 17.31 -24.04 -26.14
CA LEU A 127 17.43 -24.82 -24.92
C LEU A 127 18.85 -25.41 -24.82
N GLY A 128 19.52 -25.16 -23.70
CA GLY A 128 20.86 -25.66 -23.47
C GLY A 128 21.69 -24.68 -22.65
N TRP A 129 23.00 -24.93 -22.63
CA TRP A 129 23.95 -24.17 -21.82
C TRP A 129 24.83 -23.34 -22.74
N GLY A 130 24.73 -22.04 -22.59
CA GLY A 130 25.53 -21.12 -23.37
C GLY A 130 26.88 -20.87 -22.73
N SER A 131 27.89 -20.68 -23.59
CA SER A 131 29.23 -20.27 -23.17
C SER A 131 29.88 -19.51 -24.33
N LEU A 132 30.96 -18.81 -24.02
CA LEU A 132 31.64 -18.02 -25.03
C LEU A 132 32.69 -18.86 -25.73
N GLU A 133 32.51 -19.07 -27.03
CA GLU A 133 33.55 -19.78 -27.75
C GLU A 133 34.58 -18.81 -28.29
N SER A 134 34.11 -17.66 -28.73
CA SER A 134 34.94 -16.59 -29.26
C SER A 134 34.12 -15.33 -29.15
N LYS A 135 34.71 -14.20 -29.54
CA LYS A 135 34.08 -12.90 -29.25
C LYS A 135 32.77 -12.69 -29.99
N ASN A 136 32.49 -13.50 -31.02
CA ASN A 136 31.27 -13.38 -31.81
C ASN A 136 30.53 -14.69 -31.95
N VAL A 137 30.88 -15.71 -31.17
CA VAL A 137 30.19 -16.98 -31.26
C VAL A 137 29.83 -17.42 -29.84
N VAL A 138 28.53 -17.67 -29.61
CA VAL A 138 28.03 -18.35 -28.43
C VAL A 138 27.79 -19.81 -28.80
N VAL A 139 28.37 -20.71 -28.03
CA VAL A 139 28.11 -22.13 -28.25
C VAL A 139 27.10 -22.58 -27.23
N VAL A 140 26.14 -23.38 -27.67
CA VAL A 140 25.10 -23.97 -26.83
C VAL A 140 25.39 -25.45 -26.76
N ARG A 141 25.61 -25.97 -25.55
CA ARG A 141 25.90 -27.37 -25.34
C ARG A 141 24.77 -28.04 -24.56
N GLU A 142 24.83 -29.37 -24.52
CA GLU A 142 23.82 -30.16 -23.83
C GLU A 142 23.88 -30.01 -22.31
N THR A 143 25.07 -29.80 -21.74
CA THR A 143 25.20 -29.62 -20.30
C THR A 143 26.17 -28.48 -20.02
N ALA A 144 26.27 -28.13 -18.75
CA ALA A 144 27.20 -27.10 -18.28
C ALA A 144 28.67 -27.49 -18.45
N ASP A 145 28.96 -28.76 -18.69
CA ASP A 145 30.32 -29.27 -18.86
C ASP A 145 30.82 -28.97 -20.28
N PRO A 146 31.99 -28.34 -20.45
CA PRO A 146 32.49 -28.08 -21.82
C PRO A 146 32.74 -29.32 -22.65
N LYS A 147 32.85 -30.49 -22.04
CA LYS A 147 32.97 -31.72 -22.81
C LYS A 147 31.65 -32.19 -23.40
N SER A 148 30.50 -31.63 -23.00
CA SER A 148 29.22 -32.13 -23.54
C SER A 148 29.07 -31.67 -24.99
N ALA A 149 28.11 -32.28 -25.67
CA ALA A 149 27.96 -32.07 -27.10
C ALA A 149 27.43 -30.69 -27.44
N VAL A 150 27.93 -30.14 -28.56
CA VAL A 150 27.41 -28.91 -29.12
C VAL A 150 26.03 -29.14 -29.72
N LYS A 151 25.10 -28.23 -29.41
CA LYS A 151 23.77 -28.25 -30.00
C LYS A 151 23.67 -27.23 -31.13
N GLU A 152 24.12 -26.00 -30.90
CA GLU A 152 24.34 -25.09 -32.01
C GLU A 152 25.40 -24.07 -31.64
N ARG A 153 25.88 -23.39 -32.68
CA ARG A 153 26.80 -22.27 -32.56
C ARG A 153 26.05 -21.08 -33.09
N LEU A 154 25.88 -20.08 -32.25
CA LEU A 154 25.12 -18.90 -32.61
C LEU A 154 26.10 -17.78 -32.89
N GLN A 155 26.13 -17.33 -34.13
CA GLN A 155 26.94 -16.19 -34.54
C GLN A 155 26.24 -14.94 -34.07
N ALA A 156 26.98 -14.08 -33.37
CA ALA A 156 26.38 -12.94 -32.70
C ALA A 156 27.18 -11.67 -32.95
N ASP A 157 26.51 -10.62 -33.43
CA ASP A 157 27.13 -9.30 -33.46
C ASP A 157 27.29 -8.72 -32.05
N HIS A 158 26.36 -9.05 -31.14
CA HIS A 158 26.43 -8.59 -29.76
C HIS A 158 26.03 -9.75 -28.87
N ILE A 159 26.70 -9.86 -27.73
CA ILE A 159 26.47 -10.93 -26.76
C ILE A 159 26.14 -10.29 -25.44
N LEU A 160 25.06 -10.77 -24.80
CA LEU A 160 24.66 -10.29 -23.49
C LEU A 160 24.76 -11.43 -22.48
N LEU A 161 25.60 -11.22 -21.46
CA LEU A 161 25.71 -12.15 -20.36
C LEU A 161 24.69 -11.76 -19.28
N ALA A 162 23.79 -12.68 -18.98
CA ALA A 162 22.67 -12.39 -18.08
C ALA A 162 22.25 -13.66 -17.34
N THR A 163 23.22 -14.38 -16.80
CA THR A 163 23.02 -15.67 -16.15
C THR A 163 22.73 -15.61 -14.65
N GLY A 164 22.68 -14.45 -14.05
CA GLY A 164 22.16 -14.33 -12.71
C GLY A 164 23.20 -14.63 -11.63
N SER A 165 22.71 -15.09 -10.48
CA SER A 165 23.53 -15.50 -9.35
C SER A 165 23.12 -16.88 -8.87
N TRP A 166 23.78 -17.38 -7.82
CA TRP A 166 23.56 -18.75 -7.38
C TRP A 166 23.84 -18.78 -5.88
N PRO A 167 23.17 -19.64 -5.12
CA PRO A 167 23.38 -19.64 -3.66
C PRO A 167 24.79 -20.03 -3.29
N GLN A 168 25.36 -19.28 -2.38
CA GLN A 168 26.65 -19.57 -1.81
C GLN A 168 26.49 -20.59 -0.70
N MET A 169 27.26 -21.66 -0.76
CA MET A 169 27.20 -22.71 0.26
C MET A 169 28.54 -22.80 0.98
N PRO A 170 28.58 -22.59 2.31
CA PRO A 170 29.86 -22.58 3.02
C PRO A 170 30.42 -23.97 3.10
N ALA A 171 31.76 -24.06 3.12
CA ALA A 171 32.44 -25.37 3.07
C ALA A 171 32.68 -25.89 4.48
N ILE A 172 31.61 -26.35 5.10
CA ILE A 172 31.70 -26.96 6.42
C ILE A 172 31.46 -28.45 6.28
N PRO A 173 31.97 -29.30 7.17
CA PRO A 173 31.64 -30.71 7.07
C PRO A 173 30.14 -30.89 7.25
N GLY A 174 29.59 -31.79 6.45
CA GLY A 174 28.16 -32.00 6.39
C GLY A 174 27.35 -30.95 5.64
N ILE A 175 27.99 -30.02 4.90
CA ILE A 175 27.23 -29.11 4.05
C ILE A 175 26.27 -29.88 3.15
N GLU A 176 26.65 -31.08 2.73
CA GLU A 176 25.81 -31.90 1.87
C GLU A 176 24.49 -32.31 2.51
N HIS A 177 24.33 -32.16 3.82
CA HIS A 177 23.04 -32.40 4.46
C HIS A 177 22.20 -31.14 4.56
N CYS A 178 22.67 -30.04 3.98
CA CYS A 178 21.94 -28.78 4.01
C CYS A 178 21.33 -28.49 2.64
N ILE A 179 20.41 -27.52 2.61
CA ILE A 179 19.77 -27.07 1.38
C ILE A 179 19.99 -25.58 1.25
N SER A 180 19.57 -25.04 0.11
CA SER A 180 19.51 -23.61 -0.15
C SER A 180 18.06 -23.22 -0.39
N SER A 181 17.84 -21.95 -0.77
CA SER A 181 16.47 -21.54 -1.07
C SER A 181 15.89 -22.34 -2.25
N ASN A 182 16.74 -22.74 -3.21
CA ASN A 182 16.30 -23.50 -4.39
C ASN A 182 15.48 -24.73 -4.00
N GLU A 183 16.03 -25.56 -3.11
CA GLU A 183 15.36 -26.77 -2.69
C GLU A 183 14.21 -26.46 -1.73
N ALA A 184 14.29 -25.34 -1.00
CA ALA A 184 13.25 -24.99 -0.04
C ALA A 184 11.90 -24.83 -0.72
N PHE A 185 11.93 -24.38 -1.96
CA PHE A 185 10.74 -24.21 -2.80
C PHE A 185 10.08 -25.55 -3.17
N TYR A 186 10.70 -26.68 -2.86
CA TYR A 186 10.18 -27.96 -3.31
C TYR A 186 10.20 -29.01 -2.19
N LEU A 187 10.38 -28.60 -0.94
CA LEU A 187 10.39 -29.57 0.14
C LEU A 187 9.11 -30.40 0.12
N PRO A 188 9.20 -31.73 0.24
CA PRO A 188 7.96 -32.53 0.25
C PRO A 188 7.10 -32.29 1.50
N GLU A 189 7.68 -31.97 2.63
N GLU A 189 7.69 -31.96 2.63
CA GLU A 189 6.89 -31.71 3.82
CA GLU A 189 6.90 -31.72 3.82
C GLU A 189 7.46 -30.49 4.49
C GLU A 189 7.46 -30.49 4.51
N PRO A 190 6.64 -29.77 5.25
CA PRO A 190 7.14 -28.65 5.99
C PRO A 190 7.97 -29.14 7.17
N PRO A 191 9.15 -28.58 7.41
CA PRO A 191 9.97 -29.07 8.54
C PRO A 191 9.38 -28.65 9.88
N ARG A 192 9.31 -29.61 10.82
CA ARG A 192 8.86 -29.21 12.16
C ARG A 192 9.88 -28.30 12.81
N ARG A 193 11.17 -28.58 12.61
CA ARG A 193 12.23 -27.73 13.14
C ARG A 193 13.14 -27.36 11.97
N VAL A 194 13.44 -26.09 11.81
CA VAL A 194 14.32 -25.67 10.73
C VAL A 194 15.23 -24.57 11.22
N LEU A 195 16.48 -24.63 10.78
CA LEU A 195 17.45 -23.56 10.98
C LEU A 195 17.64 -22.85 9.65
N THR A 196 17.32 -21.57 9.57
CA THR A 196 17.68 -20.76 8.42
C THR A 196 18.93 -20.00 8.81
N VAL A 197 19.94 -20.08 7.96
CA VAL A 197 21.29 -19.58 8.26
C VAL A 197 21.51 -18.35 7.42
N GLY A 198 21.71 -17.23 8.09
CA GLY A 198 21.93 -15.95 7.45
C GLY A 198 21.00 -14.91 8.01
N GLY A 199 21.40 -13.65 7.89
CA GLY A 199 20.64 -12.53 8.40
C GLY A 199 20.00 -11.69 7.32
N GLY A 200 20.09 -12.10 6.05
CA GLY A 200 19.57 -11.32 4.94
C GLY A 200 18.08 -11.59 4.67
N PHE A 201 17.58 -10.96 3.60
CA PHE A 201 16.14 -11.00 3.33
C PHE A 201 15.65 -12.41 3.08
N ILE A 202 16.45 -13.28 2.46
CA ILE A 202 15.95 -14.60 2.10
C ILE A 202 15.76 -15.44 3.35
N SER A 203 16.74 -15.45 4.24
CA SER A 203 16.61 -16.15 5.52
C SER A 203 15.39 -15.64 6.30
N VAL A 204 15.23 -14.33 6.39
CA VAL A 204 14.13 -13.77 7.17
C VAL A 204 12.79 -14.13 6.52
N GLU A 205 12.73 -14.04 5.19
CA GLU A 205 11.46 -14.30 4.51
C GLU A 205 11.06 -15.75 4.69
N PHE A 206 12.02 -16.68 4.55
CA PHE A 206 11.70 -18.09 4.70
C PHE A 206 11.46 -18.46 6.15
N ALA A 207 12.11 -17.78 7.10
CA ALA A 207 11.80 -18.03 8.49
C ALA A 207 10.29 -17.86 8.73
N GLY A 208 9.72 -16.76 8.23
CA GLY A 208 8.29 -16.52 8.40
C GLY A 208 7.40 -17.48 7.67
N ILE A 209 7.84 -17.96 6.49
CA ILE A 209 7.08 -18.97 5.77
C ILE A 209 7.03 -20.27 6.56
N PHE A 210 8.22 -20.76 6.96
CA PHE A 210 8.26 -22.02 7.68
C PHE A 210 7.52 -21.92 9.02
N ASN A 211 7.55 -20.75 9.64
CA ASN A 211 6.91 -20.55 10.94
C ASN A 211 5.40 -20.76 10.85
N ALA A 212 4.79 -20.47 9.69
CA ALA A 212 3.35 -20.56 9.52
C ALA A 212 2.92 -21.98 9.18
N TYR A 213 3.76 -22.70 8.44
CA TYR A 213 3.40 -24.02 7.93
C TYR A 213 3.97 -25.16 8.77
N LYS A 214 4.75 -24.89 9.80
CA LYS A 214 5.34 -25.97 10.59
C LYS A 214 4.25 -26.79 11.29
N PRO A 215 4.41 -28.10 11.38
CA PRO A 215 3.46 -28.94 12.09
C PRO A 215 3.61 -28.79 13.59
N PRO A 216 2.68 -29.33 14.36
CA PRO A 216 2.65 -29.03 15.80
C PRO A 216 3.93 -29.45 16.52
N GLY A 217 4.28 -28.68 17.55
CA GLY A 217 5.54 -28.90 18.23
C GLY A 217 6.74 -28.36 17.50
N GLY A 218 6.52 -27.45 16.55
CA GLY A 218 7.57 -27.03 15.65
C GLY A 218 8.24 -25.76 16.09
N LYS A 219 9.45 -25.53 15.56
CA LYS A 219 10.21 -24.34 15.93
C LYS A 219 11.10 -23.90 14.77
N VAL A 220 11.03 -22.63 14.45
CA VAL A 220 11.92 -22.03 13.47
C VAL A 220 12.99 -21.29 14.22
N THR A 221 14.23 -21.55 13.88
CA THR A 221 15.38 -20.83 14.42
C THR A 221 16.12 -20.17 13.27
N LEU A 222 16.39 -18.89 13.39
CA LEU A 222 17.24 -18.19 12.46
C LEU A 222 18.54 -17.87 13.17
N CYS A 223 19.69 -18.18 12.54
CA CYS A 223 20.97 -17.76 13.09
C CYS A 223 21.69 -16.81 12.14
N TYR A 224 22.53 -15.96 12.72
CA TYR A 224 23.29 -14.98 11.97
C TYR A 224 24.62 -14.72 12.68
N ARG A 225 25.70 -14.71 11.88
CA ARG A 225 27.08 -14.69 12.40
C ARG A 225 27.34 -13.46 13.26
N ASN A 226 26.64 -12.35 13.03
CA ASN A 226 26.90 -11.09 13.70
C ASN A 226 25.74 -10.71 14.63
N ASN A 227 25.74 -9.46 15.08
CA ASN A 227 24.92 -9.08 16.24
C ASN A 227 23.48 -8.72 15.87
N LEU A 228 23.24 -8.28 14.64
CA LEU A 228 21.93 -7.75 14.28
C LEU A 228 21.63 -8.08 12.83
N ILE A 229 20.50 -8.74 12.59
CA ILE A 229 20.10 -9.14 11.23
C ILE A 229 19.82 -7.95 10.33
N LEU A 230 19.75 -8.22 9.02
CA LEU A 230 19.33 -7.26 8.00
C LEU A 230 20.27 -6.06 7.95
N ARG A 231 21.56 -6.36 7.97
CA ARG A 231 22.57 -5.36 7.71
C ARG A 231 22.27 -4.63 6.42
N GLY A 232 22.50 -3.31 6.42
CA GLY A 232 22.20 -2.48 5.27
C GLY A 232 20.82 -1.84 5.31
N PHE A 233 19.95 -2.30 6.20
CA PHE A 233 18.66 -1.68 6.39
C PHE A 233 18.75 -0.76 7.60
N ASP A 234 17.78 0.14 7.68
CA ASP A 234 17.65 1.06 8.81
C ASP A 234 17.70 0.33 10.14
N GLU A 235 18.48 0.89 11.07
CA GLU A 235 18.81 0.16 12.29
C GLU A 235 17.61 0.03 13.22
N THR A 236 16.76 1.06 13.30
CA THR A 236 15.53 0.91 14.05
C THR A 236 14.71 -0.26 13.54
N ILE A 237 14.61 -0.37 12.21
CA ILE A 237 13.82 -1.44 11.61
C ILE A 237 14.48 -2.79 11.85
N ARG A 238 15.80 -2.86 11.69
CA ARG A 238 16.47 -4.13 12.01
C ARG A 238 16.10 -4.59 13.42
N GLU A 239 16.07 -3.66 14.38
CA GLU A 239 15.77 -4.05 15.75
C GLU A 239 14.30 -4.42 15.91
N GLU A 240 13.39 -3.67 15.26
CA GLU A 240 11.95 -3.93 15.42
C GLU A 240 11.55 -5.24 14.76
N VAL A 241 12.09 -5.54 13.56
CA VAL A 241 11.81 -6.82 12.90
C VAL A 241 12.28 -7.96 13.76
N THR A 242 13.48 -7.83 14.35
CA THR A 242 13.94 -8.86 15.28
C THR A 242 12.92 -9.09 16.38
N LYS A 243 12.37 -8.00 16.95
CA LYS A 243 11.38 -8.17 18.01
C LYS A 243 10.09 -8.79 17.49
N GLN A 244 9.63 -8.39 16.29
CA GLN A 244 8.35 -8.90 15.82
C GLN A 244 8.45 -10.33 15.31
N LEU A 245 9.62 -10.73 14.82
CA LEU A 245 9.84 -12.14 14.52
C LEU A 245 9.79 -12.96 15.80
N THR A 246 10.50 -12.52 16.83
CA THR A 246 10.49 -13.23 18.11
C THR A 246 9.08 -13.32 18.67
N ALA A 247 8.30 -12.25 18.53
CA ALA A 247 6.95 -12.21 19.08
C ALA A 247 6.05 -13.24 18.42
N ASN A 248 6.37 -13.61 17.17
CA ASN A 248 5.57 -14.59 16.43
C ASN A 248 6.14 -15.99 16.55
N GLY A 249 7.09 -16.22 17.48
CA GLY A 249 7.53 -17.54 17.80
C GLY A 249 8.86 -17.96 17.21
N ILE A 250 9.55 -17.08 16.48
CA ILE A 250 10.78 -17.47 15.80
C ILE A 250 11.94 -17.20 16.73
N GLU A 251 12.85 -18.15 16.85
CA GLU A 251 14.02 -17.95 17.70
C GLU A 251 15.13 -17.36 16.84
N ILE A 252 15.63 -16.21 17.25
CA ILE A 252 16.70 -15.52 16.54
C ILE A 252 17.98 -15.66 17.34
N MET A 253 19.00 -16.23 16.69
CA MET A 253 20.23 -16.69 17.30
C MET A 253 21.34 -15.89 16.64
N THR A 254 21.68 -14.74 17.23
CA THR A 254 22.76 -13.89 16.75
C THR A 254 24.12 -14.32 17.35
N ASN A 255 25.18 -13.76 16.76
CA ASN A 255 26.58 -14.12 17.01
C ASN A 255 26.78 -15.63 17.07
N GLU A 256 26.19 -16.31 16.09
CA GLU A 256 26.33 -17.76 16.00
C GLU A 256 26.45 -18.14 14.54
N ASN A 257 27.17 -19.22 14.30
CA ASN A 257 27.40 -19.68 12.93
C ASN A 257 27.70 -21.17 12.93
N PRO A 258 27.05 -21.97 12.08
CA PRO A 258 27.31 -23.41 12.09
C PRO A 258 28.74 -23.73 11.75
N ALA A 259 29.29 -24.73 12.44
CA ALA A 259 30.61 -25.24 12.10
C ALA A 259 30.56 -26.61 11.44
N LYS A 260 29.53 -27.41 11.70
CA LYS A 260 29.40 -28.71 11.05
C LYS A 260 27.97 -29.20 11.22
N VAL A 261 27.62 -30.22 10.43
CA VAL A 261 26.29 -30.83 10.48
C VAL A 261 26.50 -32.32 10.33
N SER A 262 25.84 -33.10 11.17
CA SER A 262 25.88 -34.54 11.04
C SER A 262 24.46 -35.06 11.03
N LEU A 263 24.30 -36.31 10.65
CA LEU A 263 22.98 -36.93 10.59
C LEU A 263 22.66 -37.67 11.87
N ASN A 264 21.46 -37.45 12.39
CA ASN A 264 20.95 -38.28 13.47
C ASN A 264 20.38 -39.58 12.92
N THR A 265 20.15 -40.53 13.83
CA THR A 265 19.65 -41.83 13.44
C THR A 265 18.35 -41.72 12.65
N ASP A 266 17.49 -40.75 13.00
CA ASP A 266 16.21 -40.64 12.31
C ASP A 266 16.29 -39.82 11.03
N GLY A 267 17.45 -39.32 10.66
CA GLY A 267 17.59 -38.51 9.46
C GLY A 267 17.56 -37.02 9.71
N SER A 268 17.27 -36.58 10.93
CA SER A 268 17.36 -35.18 11.27
C SER A 268 18.82 -34.78 11.33
N LYS A 269 19.05 -33.48 11.53
CA LYS A 269 20.37 -32.88 11.44
C LYS A 269 20.81 -32.37 12.80
N HIS A 270 22.05 -32.69 13.16
CA HIS A 270 22.67 -32.27 14.41
C HIS A 270 23.65 -31.18 14.03
N VAL A 271 23.31 -29.94 14.35
CA VAL A 271 24.13 -28.79 13.99
C VAL A 271 25.02 -28.44 15.18
N THR A 272 26.31 -28.23 14.94
CA THR A 272 27.23 -27.70 15.94
C THR A 272 27.73 -26.36 15.45
N PHE A 273 27.60 -25.36 16.29
CA PHE A 273 28.04 -24.02 15.99
C PHE A 273 29.48 -23.84 16.42
N GLU A 274 30.12 -22.81 15.86
CA GLU A 274 31.48 -22.47 16.26
C GLU A 274 31.60 -22.32 17.77
N SER A 275 30.54 -21.81 18.42
CA SER A 275 30.51 -21.57 19.85
C SER A 275 30.49 -22.85 20.68
N GLY A 276 30.26 -24.02 20.06
CA GLY A 276 30.03 -25.26 20.79
C GLY A 276 28.58 -25.60 21.07
N LYS A 277 27.66 -24.63 20.96
CA LYS A 277 26.24 -24.93 21.05
C LYS A 277 25.83 -25.98 20.00
N THR A 278 24.73 -26.67 20.27
CA THR A 278 24.20 -27.63 19.34
C THR A 278 22.69 -27.47 19.22
N LEU A 279 22.17 -27.92 18.09
CA LEU A 279 20.75 -27.83 17.78
C LEU A 279 20.39 -28.95 16.83
N ASP A 280 19.32 -29.65 17.13
CA ASP A 280 18.75 -30.64 16.25
C ASP A 280 17.62 -30.00 15.46
N VAL A 281 17.69 -30.11 14.12
CA VAL A 281 16.63 -29.65 13.24
C VAL A 281 16.35 -30.70 12.18
N ASP A 282 15.20 -30.54 11.53
CA ASP A 282 14.87 -31.40 10.39
C ASP A 282 15.42 -30.87 9.07
N VAL A 283 15.63 -29.57 8.96
CA VAL A 283 16.14 -28.96 7.74
C VAL A 283 17.09 -27.87 8.15
N VAL A 284 18.22 -27.77 7.46
CA VAL A 284 19.13 -26.64 7.55
C VAL A 284 19.17 -25.92 6.21
N MET A 285 18.71 -24.67 6.18
CA MET A 285 18.66 -23.88 4.94
C MET A 285 19.70 -22.78 5.01
N MET A 286 20.69 -22.89 4.15
CA MET A 286 21.74 -21.89 4.04
C MET A 286 21.27 -20.75 3.17
N ALA A 287 21.28 -19.54 3.72
CA ALA A 287 20.94 -18.34 2.98
C ALA A 287 21.94 -17.26 3.38
N ILE A 288 23.24 -17.58 3.23
CA ILE A 288 24.31 -16.67 3.66
C ILE A 288 24.77 -15.77 2.56
N GLY A 289 24.34 -16.00 1.33
CA GLY A 289 24.59 -15.06 0.24
C GLY A 289 24.42 -15.72 -1.11
N ARG A 290 24.49 -14.87 -2.14
CA ARG A 290 24.35 -15.29 -3.53
C ARG A 290 25.54 -14.75 -4.32
N ILE A 291 26.16 -15.60 -5.13
CA ILE A 291 27.33 -15.20 -5.90
C ILE A 291 27.06 -15.23 -7.41
N PRO A 292 27.71 -14.34 -8.16
CA PRO A 292 27.47 -14.25 -9.61
C PRO A 292 27.76 -15.55 -10.34
N ARG A 293 26.91 -15.88 -11.31
CA ARG A 293 26.94 -17.18 -11.96
C ARG A 293 27.88 -17.11 -13.17
N THR A 294 29.18 -17.16 -12.88
CA THR A 294 30.23 -17.01 -13.87
C THR A 294 30.88 -18.34 -14.26
N ASN A 295 30.60 -19.41 -13.53
CA ASN A 295 31.45 -20.60 -13.58
C ASN A 295 31.34 -21.37 -14.90
N ASP A 296 30.21 -21.28 -15.61
CA ASP A 296 30.01 -22.13 -16.79
C ASP A 296 30.16 -21.40 -18.12
N LEU A 297 30.37 -20.09 -18.10
CA LEU A 297 30.39 -19.29 -19.32
C LEU A 297 31.70 -19.35 -20.10
N GLN A 298 32.75 -19.92 -19.55
CA GLN A 298 34.10 -19.92 -20.17
C GLN A 298 34.53 -18.52 -20.58
N LEU A 299 34.43 -17.59 -19.65
CA LEU A 299 34.79 -16.20 -19.95
C LEU A 299 36.26 -16.07 -20.36
N GLY A 300 37.14 -16.92 -19.81
CA GLY A 300 38.55 -16.85 -20.13
C GLY A 300 38.85 -17.12 -21.60
N ASN A 301 37.94 -17.82 -22.31
CA ASN A 301 38.10 -18.02 -23.75
C ASN A 301 38.22 -16.71 -24.50
N VAL A 302 37.53 -15.68 -24.07
CA VAL A 302 37.59 -14.41 -24.79
C VAL A 302 38.18 -13.29 -23.96
N GLY A 303 38.45 -13.52 -22.68
CA GLY A 303 39.12 -12.51 -21.88
C GLY A 303 38.23 -11.57 -21.11
N VAL A 304 36.95 -11.90 -20.92
CA VAL A 304 36.06 -11.03 -20.14
C VAL A 304 36.53 -11.00 -18.69
N LYS A 305 36.74 -9.80 -18.16
CA LYS A 305 37.33 -9.57 -16.85
C LYS A 305 36.29 -9.53 -15.73
N LEU A 306 36.63 -10.13 -14.61
CA LEU A 306 35.87 -10.00 -13.38
C LEU A 306 36.44 -8.88 -12.52
N THR A 307 35.58 -8.33 -11.66
CA THR A 307 35.98 -7.40 -10.63
C THR A 307 36.74 -8.12 -9.51
N PRO A 308 37.39 -7.35 -8.64
CA PRO A 308 38.00 -7.95 -7.44
C PRO A 308 37.03 -8.73 -6.58
N LYS A 309 35.72 -8.43 -6.65
CA LYS A 309 34.69 -9.16 -5.90
C LYS A 309 34.21 -10.41 -6.59
N GLY A 310 34.29 -10.50 -7.93
CA GLY A 310 33.89 -11.72 -8.64
C GLY A 310 32.74 -11.55 -9.63
N GLY A 311 32.11 -10.39 -9.68
CA GLY A 311 31.12 -10.13 -10.71
C GLY A 311 31.78 -9.77 -12.03
N VAL A 312 31.05 -9.91 -13.14
CA VAL A 312 31.56 -9.41 -14.41
C VAL A 312 31.69 -7.90 -14.35
N GLN A 313 32.89 -7.41 -14.68
CA GLN A 313 33.14 -5.98 -14.63
C GLN A 313 32.48 -5.25 -15.79
N VAL A 314 31.79 -4.17 -15.50
CA VAL A 314 31.08 -3.43 -16.52
C VAL A 314 31.25 -1.96 -16.24
N ASP A 315 31.10 -1.15 -17.27
CA ASP A 315 30.94 0.27 -17.08
C ASP A 315 29.46 0.62 -16.95
N GLU A 316 29.17 1.91 -16.91
CA GLU A 316 27.82 2.38 -16.60
C GLU A 316 26.86 2.08 -17.75
N PHE A 317 27.37 1.67 -18.90
CA PHE A 317 26.58 1.24 -20.03
C PHE A 317 26.61 -0.28 -20.21
N SER A 318 27.04 -1.00 -19.17
CA SER A 318 27.00 -2.46 -19.15
C SER A 318 27.99 -3.11 -20.11
N ARG A 319 28.99 -2.35 -20.56
CA ARG A 319 30.01 -2.90 -21.42
C ARG A 319 31.08 -3.61 -20.64
N THR A 320 31.45 -4.83 -21.06
CA THR A 320 32.62 -5.49 -20.49
C THR A 320 33.88 -4.88 -21.09
N ASN A 321 35.03 -5.46 -20.77
CA ASN A 321 36.26 -5.11 -21.46
C ASN A 321 36.35 -5.68 -22.87
N VAL A 322 35.40 -6.51 -23.31
CA VAL A 322 35.49 -7.08 -24.66
C VAL A 322 34.43 -6.40 -25.53
N PRO A 323 34.83 -5.79 -26.66
CA PRO A 323 33.85 -5.08 -27.49
C PRO A 323 32.70 -5.99 -27.85
N ASN A 324 31.50 -5.42 -27.80
CA ASN A 324 30.25 -6.09 -28.17
C ASN A 324 29.85 -7.20 -27.21
N ILE A 325 30.49 -7.34 -26.05
CA ILE A 325 30.01 -8.22 -25.00
C ILE A 325 29.60 -7.38 -23.79
N TYR A 326 28.38 -7.60 -23.33
CA TYR A 326 27.80 -6.83 -22.26
C TYR A 326 27.37 -7.76 -21.14
N ALA A 327 27.14 -7.20 -19.95
CA ALA A 327 26.66 -7.97 -18.81
C ALA A 327 25.72 -7.11 -18.00
N ILE A 328 24.60 -7.71 -17.57
CA ILE A 328 23.60 -7.03 -16.74
C ILE A 328 23.15 -7.95 -15.61
N GLY A 329 22.45 -7.37 -14.63
CA GLY A 329 21.75 -8.15 -13.62
C GLY A 329 22.70 -8.71 -12.57
N ASP A 330 22.31 -9.82 -11.93
CA ASP A 330 23.07 -10.26 -10.75
C ASP A 330 24.51 -10.68 -11.06
N ILE A 331 24.81 -11.06 -12.32
CA ILE A 331 26.16 -11.48 -12.66
C ILE A 331 27.15 -10.32 -12.49
N THR A 332 26.67 -9.08 -12.48
CA THR A 332 27.53 -7.92 -12.22
C THR A 332 27.69 -7.60 -10.73
N ASP A 333 26.91 -8.27 -9.87
CA ASP A 333 27.20 -8.34 -8.42
C ASP A 333 27.08 -6.98 -7.78
N ARG A 334 26.08 -6.22 -8.23
CA ARG A 334 25.83 -4.93 -7.66
C ARG A 334 24.52 -5.00 -6.84
N LEU A 335 23.44 -4.37 -7.32
CA LEU A 335 22.11 -4.51 -6.70
C LEU A 335 21.41 -5.72 -7.29
N MET A 336 21.20 -6.75 -6.49
CA MET A 336 20.63 -8.00 -6.98
C MET A 336 19.13 -7.93 -6.78
N LEU A 337 18.50 -7.18 -7.70
CA LEU A 337 17.06 -6.93 -7.76
C LEU A 337 16.56 -7.11 -9.19
N THR A 338 15.36 -7.70 -9.33
CA THR A 338 14.76 -7.89 -10.66
C THR A 338 14.51 -6.59 -11.42
N PRO A 339 13.90 -5.56 -10.83
CA PRO A 339 13.63 -4.36 -11.64
C PRO A 339 14.89 -3.62 -12.05
N VAL A 340 15.98 -3.78 -11.30
CA VAL A 340 17.25 -3.20 -11.72
C VAL A 340 17.80 -3.94 -12.94
N ALA A 341 17.79 -5.28 -12.91
CA ALA A 341 18.18 -6.04 -14.10
C ALA A 341 17.33 -5.67 -15.31
N ILE A 342 16.02 -5.51 -15.11
CA ILE A 342 15.12 -5.08 -16.18
C ILE A 342 15.55 -3.72 -16.73
N ASN A 343 15.77 -2.75 -15.85
CA ASN A 343 16.11 -1.40 -16.30
C ASN A 343 17.43 -1.41 -17.07
N GLU A 344 18.41 -2.17 -16.56
CA GLU A 344 19.71 -2.29 -17.21
C GLU A 344 19.57 -2.88 -18.59
N GLY A 345 18.74 -3.92 -18.73
CA GLY A 345 18.55 -4.54 -20.04
C GLY A 345 17.90 -3.60 -21.04
N ALA A 346 16.91 -2.83 -20.61
CA ALA A 346 16.25 -1.90 -21.50
C ALA A 346 17.21 -0.78 -21.93
N ALA A 347 18.00 -0.28 -20.97
CA ALA A 347 18.95 0.79 -21.24
C ALA A 347 20.01 0.33 -22.21
N LEU A 348 20.50 -0.90 -22.03
CA LEU A 348 21.50 -1.49 -22.93
C LEU A 348 20.99 -1.53 -24.37
N VAL A 349 19.75 -1.98 -24.56
CA VAL A 349 19.20 -2.13 -25.90
C VAL A 349 18.89 -0.76 -26.52
N ASP A 350 18.45 0.21 -25.72
CA ASP A 350 18.26 1.57 -26.23
C ASP A 350 19.59 2.13 -26.75
N THR A 351 20.67 1.89 -26.01
CA THR A 351 21.97 2.44 -26.36
C THR A 351 22.54 1.74 -27.58
N VAL A 352 22.53 0.41 -27.57
CA VAL A 352 23.22 -0.34 -28.62
C VAL A 352 22.45 -0.28 -29.94
N PHE A 353 21.12 -0.38 -29.88
CA PHE A 353 20.34 -0.55 -31.10
C PHE A 353 19.42 0.61 -31.39
N GLY A 354 19.24 1.53 -30.44
CA GLY A 354 18.20 2.53 -30.57
C GLY A 354 18.77 3.92 -30.76
N ASN A 355 20.08 4.05 -30.86
CA ASN A 355 20.68 5.38 -31.00
C ASN A 355 20.13 6.31 -29.92
N LYS A 356 20.01 5.79 -28.70
CA LYS A 356 19.37 6.49 -27.59
C LYS A 356 20.14 6.11 -26.33
N PRO A 357 21.31 6.72 -26.11
CA PRO A 357 22.17 6.27 -25.01
C PRO A 357 21.47 6.47 -23.68
N ARG A 358 21.46 5.41 -22.87
CA ARG A 358 20.76 5.43 -21.59
C ARG A 358 21.54 4.57 -20.60
N LYS A 359 21.60 5.01 -19.35
CA LYS A 359 22.24 4.22 -18.31
C LYS A 359 21.35 4.13 -17.08
N THR A 360 21.48 3.01 -16.38
CA THR A 360 20.66 2.78 -15.20
C THR A 360 21.20 3.57 -14.03
N ASP A 361 20.32 4.27 -13.32
CA ASP A 361 20.68 4.96 -12.09
C ASP A 361 20.50 3.97 -10.93
N HIS A 362 21.59 3.66 -10.24
CA HIS A 362 21.57 2.66 -9.18
C HIS A 362 21.35 3.27 -7.79
N THR A 363 21.12 4.58 -7.69
CA THR A 363 20.83 5.24 -6.43
C THR A 363 19.33 5.43 -6.30
N ARG A 364 18.88 5.59 -5.07
CA ARG A 364 17.48 5.90 -4.77
C ARG A 364 16.53 4.84 -5.34
N VAL A 365 17.01 3.60 -5.42
CA VAL A 365 16.20 2.47 -5.87
C VAL A 365 15.39 1.98 -4.67
N ALA A 366 14.07 1.94 -4.83
CA ALA A 366 13.21 1.42 -3.79
C ALA A 366 13.20 -0.13 -3.79
N SER A 367 13.08 -0.72 -2.62
CA SER A 367 13.07 -2.18 -2.51
C SER A 367 12.27 -2.56 -1.27
N ALA A 368 12.00 -3.88 -1.12
CA ALA A 368 11.17 -4.40 -0.05
C ALA A 368 11.74 -5.66 0.56
N VAL A 369 11.27 -5.97 1.76
CA VAL A 369 11.49 -7.28 2.36
C VAL A 369 10.12 -7.78 2.79
N PHE A 370 9.76 -8.97 2.34
CA PHE A 370 8.46 -9.53 2.67
C PHE A 370 8.54 -10.38 3.92
N SER A 371 9.16 -9.81 4.94
CA SER A 371 8.94 -10.30 6.28
C SER A 371 7.51 -10.02 6.71
N ILE A 372 7.16 -10.53 7.88
CA ILE A 372 5.81 -10.35 8.38
C ILE A 372 5.96 -9.62 9.72
N PRO A 373 5.54 -8.34 9.84
CA PRO A 373 5.18 -7.46 8.70
C PRO A 373 6.39 -7.02 7.84
N PRO A 374 6.11 -6.42 6.70
CA PRO A 374 7.15 -6.17 5.69
C PRO A 374 7.88 -4.85 5.84
N ILE A 375 8.96 -4.76 5.08
CA ILE A 375 9.81 -3.57 5.02
C ILE A 375 9.67 -2.95 3.65
N GLY A 376 9.63 -1.63 3.61
CA GLY A 376 9.78 -0.91 2.36
C GLY A 376 10.75 0.23 2.57
N THR A 377 11.66 0.41 1.61
CA THR A 377 12.78 1.32 1.80
C THR A 377 13.22 1.91 0.46
N CYS A 378 13.68 3.17 0.50
CA CYS A 378 14.27 3.83 -0.66
C CYS A 378 15.35 4.79 -0.17
N GLY A 379 16.60 4.62 -0.63
CA GLY A 379 17.66 5.58 -0.37
C GLY A 379 18.52 5.26 0.84
N LEU A 380 19.20 6.30 1.33
CA LEU A 380 20.24 6.13 2.32
C LEU A 380 19.69 5.93 3.72
N ILE A 381 20.32 5.01 4.45
CA ILE A 381 20.15 4.96 5.88
C ILE A 381 21.00 6.07 6.51
N GLU A 382 20.68 6.39 7.76
CA GLU A 382 21.21 7.61 8.34
C GLU A 382 22.73 7.51 8.55
N GLU A 383 23.22 6.34 8.97
CA GLU A 383 24.67 6.16 9.11
C GLU A 383 25.41 6.57 7.84
N VAL A 384 24.88 6.21 6.68
CA VAL A 384 25.54 6.49 5.41
C VAL A 384 25.39 7.96 5.06
N ALA A 385 24.20 8.53 5.32
CA ALA A 385 24.03 9.94 5.03
C ALA A 385 24.98 10.78 5.87
N ALA A 386 25.15 10.40 7.14
CA ALA A 386 25.96 11.17 8.07
C ALA A 386 27.44 11.23 7.68
N LYS A 387 27.92 10.32 6.81
CA LYS A 387 29.28 10.39 6.29
C LYS A 387 29.40 11.26 5.06
N GLU A 388 28.31 11.42 4.30
CA GLU A 388 28.31 12.20 3.08
C GLU A 388 27.79 13.62 3.26
N PHE A 389 27.25 13.96 4.44
CA PHE A 389 26.60 15.25 4.63
C PHE A 389 26.90 15.81 6.01
N GLU A 390 27.18 17.10 6.06
CA GLU A 390 27.58 17.74 7.32
C GLU A 390 26.44 17.72 8.34
N LYS A 391 25.23 18.10 7.91
CA LYS A 391 24.07 18.14 8.80
C LYS A 391 23.00 17.21 8.23
N VAL A 392 22.65 16.18 9.00
CA VAL A 392 21.61 15.22 8.64
C VAL A 392 20.53 15.28 9.71
N ALA A 393 19.27 15.29 9.27
CA ALA A 393 18.14 15.20 10.19
C ALA A 393 17.41 13.88 9.97
N VAL A 394 16.90 13.33 11.06
CA VAL A 394 16.10 12.11 11.04
C VAL A 394 14.73 12.43 11.64
N TYR A 395 13.68 12.21 10.86
CA TYR A 395 12.30 12.28 11.32
C TYR A 395 11.77 10.87 11.50
N MET A 396 11.18 10.60 12.66
CA MET A 396 10.82 9.23 13.04
C MET A 396 9.45 9.22 13.71
N SER A 397 8.61 8.29 13.29
CA SER A 397 7.33 8.05 13.94
C SER A 397 7.16 6.55 14.08
N SER A 398 6.67 6.14 15.23
CA SER A 398 6.66 4.71 15.57
C SER A 398 5.52 4.45 16.54
N PHE A 399 4.70 3.43 16.27
CA PHE A 399 3.51 3.14 17.07
C PHE A 399 2.83 1.84 16.62
N THR A 400 2.17 1.15 17.56
CA THR A 400 1.25 0.08 17.18
C THR A 400 -0.03 0.66 16.61
N PRO A 401 -0.37 0.43 15.34
CA PRO A 401 -1.64 0.92 14.81
C PRO A 401 -2.83 0.42 15.63
N LEU A 402 -3.90 1.23 15.61
CA LEU A 402 -5.13 0.90 16.33
C LEU A 402 -5.65 -0.48 15.94
N MET A 403 -5.79 -0.75 14.62
CA MET A 403 -6.26 -2.06 14.18
C MET A 403 -5.55 -3.19 14.93
N HIS A 404 -4.26 -3.02 15.21
CA HIS A 404 -3.51 -4.11 15.84
C HIS A 404 -3.58 -4.12 17.36
N ASN A 405 -4.05 -3.05 18.00
CA ASN A 405 -4.43 -3.21 19.39
C ASN A 405 -5.70 -4.05 19.47
N ILE A 406 -6.62 -3.85 18.52
CA ILE A 406 -7.85 -4.64 18.49
C ILE A 406 -7.58 -6.08 18.07
N SER A 407 -6.69 -6.30 17.09
CA SER A 407 -6.37 -7.64 16.60
C SER A 407 -5.72 -8.49 17.68
N GLY A 408 -5.03 -7.87 18.62
CA GLY A 408 -4.26 -8.60 19.59
C GLY A 408 -2.80 -8.76 19.24
N SER A 409 -2.36 -8.25 18.09
CA SER A 409 -0.96 -8.26 17.71
C SER A 409 -0.30 -6.91 18.07
N LYS A 410 -0.25 -6.63 19.39
CA LYS A 410 0.24 -5.33 19.83
C LYS A 410 1.73 -5.17 19.59
N TYR A 411 2.46 -6.26 19.38
CA TYR A 411 3.87 -6.15 19.01
C TYR A 411 4.09 -5.57 17.61
N LYS A 412 3.04 -5.40 16.81
CA LYS A 412 3.19 -4.92 15.41
C LYS A 412 3.27 -3.40 15.34
N LYS A 413 4.41 -2.90 15.75
CA LYS A 413 4.64 -1.46 15.67
C LYS A 413 5.04 -1.06 14.25
N PHE A 414 4.31 -0.09 13.70
CA PHE A 414 4.68 0.58 12.47
C PHE A 414 5.82 1.55 12.71
N VAL A 415 6.78 1.61 11.78
CA VAL A 415 7.91 2.53 11.85
C VAL A 415 7.98 3.27 10.54
N ALA A 416 8.00 4.59 10.62
CA ALA A 416 8.27 5.47 9.49
C ALA A 416 9.43 6.38 9.83
N LYS A 417 10.45 6.41 8.97
CA LYS A 417 11.60 7.26 9.18
C LYS A 417 12.01 7.93 7.88
N ILE A 418 12.29 9.23 7.95
CA ILE A 418 12.74 10.04 6.83
C ILE A 418 14.07 10.67 7.21
N VAL A 419 15.04 10.54 6.31
CA VAL A 419 16.40 11.01 6.48
C VAL A 419 16.61 12.12 5.48
N THR A 420 17.07 13.28 5.95
CA THR A 420 17.23 14.44 5.07
C THR A 420 18.65 15.01 5.19
N ASN A 421 19.04 15.71 4.15
CA ASN A 421 20.14 16.66 4.25
C ASN A 421 19.56 17.93 4.86
N HIS A 422 19.85 18.16 6.13
CA HIS A 422 19.22 19.30 6.82
C HIS A 422 19.61 20.65 6.24
N SER A 423 20.62 20.72 5.38
CA SER A 423 21.01 22.01 4.84
C SER A 423 19.91 22.57 3.94
N ASP A 424 19.37 21.75 3.04
CA ASP A 424 18.27 22.21 2.19
C ASP A 424 17.00 21.38 2.33
N GLY A 425 16.96 20.43 3.26
CA GLY A 425 15.77 19.62 3.52
C GLY A 425 15.57 18.46 2.57
N THR A 426 16.49 18.22 1.64
CA THR A 426 16.32 17.20 0.62
C THR A 426 16.20 15.82 1.26
N VAL A 427 15.19 15.05 0.84
CA VAL A 427 14.99 13.71 1.37
C VAL A 427 16.05 12.80 0.76
N LEU A 428 16.85 12.20 1.61
CA LEU A 428 17.87 11.23 1.23
C LEU A 428 17.40 9.78 1.32
N GLY A 429 16.51 9.46 2.26
CA GLY A 429 16.03 8.10 2.42
C GLY A 429 14.72 8.04 3.18
N VAL A 430 13.93 7.01 2.91
CA VAL A 430 12.68 6.73 3.61
C VAL A 430 12.64 5.24 3.90
N HIS A 431 12.30 4.90 5.13
CA HIS A 431 12.39 3.54 5.59
C HIS A 431 11.13 3.25 6.40
N LEU A 432 10.47 2.15 6.05
CA LEU A 432 9.17 1.81 6.56
C LEU A 432 9.15 0.35 6.98
N LEU A 433 8.49 0.11 8.11
CA LEU A 433 8.19 -1.23 8.58
C LEU A 433 6.72 -1.26 8.98
N GLY A 434 5.97 -2.20 8.39
CA GLY A 434 4.59 -2.41 8.78
C GLY A 434 3.75 -2.80 7.58
N ASP A 435 2.50 -3.21 7.80
CA ASP A 435 1.64 -3.65 6.71
C ASP A 435 1.58 -2.59 5.63
N GLY A 436 1.72 -3.04 4.38
CA GLY A 436 1.62 -2.15 3.23
C GLY A 436 2.89 -1.39 2.87
N ALA A 437 3.95 -1.52 3.67
CA ALA A 437 5.20 -0.80 3.39
C ALA A 437 5.74 -0.99 1.97
N PRO A 438 5.76 -2.19 1.37
CA PRO A 438 6.27 -2.30 0.00
C PRO A 438 5.46 -1.51 -0.98
N GLU A 439 4.14 -1.44 -0.76
CA GLU A 439 3.28 -0.67 -1.65
C GLU A 439 3.43 0.82 -1.42
N ILE A 440 3.58 1.24 -0.15
CA ILE A 440 3.73 2.67 0.14
C ILE A 440 4.97 3.23 -0.54
N ILE A 441 6.08 2.47 -0.53
CA ILE A 441 7.38 3.04 -0.87
C ILE A 441 7.56 3.24 -2.37
N GLN A 442 6.74 2.60 -3.22
CA GLN A 442 6.99 2.72 -4.64
C GLN A 442 6.97 4.18 -5.09
N ALA A 443 5.88 4.90 -4.83
CA ALA A 443 5.82 6.28 -5.28
C ALA A 443 6.78 7.19 -4.52
N VAL A 444 7.24 6.75 -3.34
CA VAL A 444 8.30 7.47 -2.66
C VAL A 444 9.56 7.50 -3.54
N GLY A 445 9.82 6.42 -4.31
CA GLY A 445 10.97 6.42 -5.21
C GLY A 445 10.83 7.47 -6.30
N VAL A 446 9.60 7.66 -6.79
CA VAL A 446 9.33 8.77 -7.70
C VAL A 446 9.64 10.10 -7.03
N CYS A 447 9.24 10.25 -5.75
CA CYS A 447 9.52 11.50 -5.02
C CYS A 447 11.01 11.78 -4.95
N LEU A 448 11.82 10.76 -4.59
CA LEU A 448 13.25 10.99 -4.49
C LEU A 448 13.86 11.26 -5.85
N ARG A 449 13.31 10.69 -6.92
N ARG A 449 13.36 10.64 -6.92
CA ARG A 449 13.80 10.98 -8.26
CA ARG A 449 13.84 11.02 -8.25
C ARG A 449 13.45 12.40 -8.68
C ARG A 449 13.64 12.51 -8.46
N LEU A 450 12.52 13.05 -7.98
CA LEU A 450 12.16 14.44 -8.17
C LEU A 450 12.82 15.36 -7.17
N ASN A 451 13.71 14.82 -6.34
CA ASN A 451 14.46 15.58 -5.35
C ASN A 451 13.55 16.24 -4.30
N ALA A 452 12.50 15.52 -3.91
CA ALA A 452 11.60 16.02 -2.89
C ALA A 452 12.36 16.45 -1.65
N LYS A 453 11.83 17.46 -0.98
CA LYS A 453 12.30 17.90 0.32
C LYS A 453 11.26 17.49 1.37
N ILE A 454 11.69 17.48 2.63
CA ILE A 454 10.79 17.09 3.70
C ILE A 454 9.52 17.94 3.66
N SER A 455 9.64 19.21 3.28
CA SER A 455 8.46 20.08 3.25
C SER A 455 7.48 19.71 2.13
N ASP A 456 7.96 19.05 1.07
CA ASP A 456 7.02 18.57 0.05
C ASP A 456 6.14 17.45 0.60
N PHE A 457 6.67 16.68 1.55
CA PHE A 457 5.89 15.68 2.24
C PHE A 457 4.90 16.30 3.22
N TYR A 458 5.37 17.20 4.12
CA TYR A 458 4.44 17.61 5.19
C TYR A 458 3.43 18.65 4.71
N ASN A 459 3.61 19.24 3.55
CA ASN A 459 2.64 20.13 2.96
C ASN A 459 1.73 19.45 1.96
N THR A 460 1.88 18.14 1.78
CA THR A 460 0.94 17.34 1.02
C THR A 460 -0.16 16.90 1.96
N ILE A 461 -1.39 16.95 1.50
CA ILE A 461 -2.52 16.61 2.36
C ILE A 461 -2.61 15.09 2.50
N GLY A 462 -2.78 14.63 3.75
CA GLY A 462 -2.89 13.22 4.04
C GLY A 462 -4.14 12.55 3.48
N VAL A 463 -3.99 11.25 3.29
CA VAL A 463 -5.09 10.32 3.02
C VAL A 463 -5.39 9.63 4.33
N HIS A 464 -6.66 9.71 4.77
CA HIS A 464 -6.96 9.25 6.13
C HIS A 464 -8.09 8.23 6.09
N PRO A 465 -8.01 7.13 6.85
CA PRO A 465 -6.91 6.67 7.71
C PRO A 465 -5.98 5.72 6.96
N THR A 466 -4.68 6.00 6.92
CA THR A 466 -3.68 5.09 6.36
C THR A 466 -2.44 5.11 7.22
N SER A 467 -1.56 4.13 7.01
CA SER A 467 -0.20 4.23 7.55
C SER A 467 0.62 5.25 6.78
N ALA A 468 0.42 5.32 5.46
CA ALA A 468 1.24 6.18 4.61
C ALA A 468 1.16 7.64 5.01
N GLU A 469 -0.01 8.12 5.47
CA GLU A 469 -0.12 9.53 5.88
C GLU A 469 0.85 9.92 7.00
N GLU A 470 1.38 8.97 7.77
CA GLU A 470 2.43 9.35 8.71
C GLU A 470 3.61 10.01 8.00
N LEU A 471 3.84 9.70 6.72
CA LEU A 471 4.96 10.33 6.00
C LEU A 471 4.75 11.82 5.80
N CYS A 472 3.50 12.27 5.84
CA CYS A 472 3.15 13.66 5.62
C CYS A 472 2.85 14.40 6.92
N SER A 473 3.20 13.82 8.07
CA SER A 473 2.83 14.32 9.38
C SER A 473 4.07 14.60 10.24
N MET A 474 5.24 14.70 9.62
CA MET A 474 6.48 14.87 10.37
C MET A 474 7.13 16.16 9.92
N ARG A 475 7.09 17.16 10.81
CA ARG A 475 7.55 18.51 10.51
C ARG A 475 8.85 18.84 11.23
N THR A 476 9.16 18.14 12.31
CA THR A 476 10.22 18.54 13.23
C THR A 476 11.17 17.36 13.39
N PRO A 477 12.46 17.51 13.11
CA PRO A 477 13.38 16.38 13.27
C PRO A 477 13.24 15.77 14.64
N SER A 478 13.42 14.44 14.71
CA SER A 478 13.51 13.78 16.01
C SER A 478 14.92 13.86 16.57
N TYR A 479 15.93 13.94 15.69
CA TYR A 479 17.32 14.04 16.10
C TYR A 479 18.17 14.29 14.85
N TYR A 480 19.48 14.40 15.04
CA TYR A 480 20.38 14.90 14.01
C TYR A 480 21.72 14.16 14.04
N TYR A 481 22.42 14.23 12.91
CA TYR A 481 23.85 13.94 12.83
C TYR A 481 24.53 15.20 12.32
N VAL A 482 25.45 15.74 13.10
CA VAL A 482 26.27 16.88 12.73
C VAL A 482 27.71 16.40 12.68
N LYS A 483 28.32 16.49 11.50
CA LYS A 483 29.66 15.96 11.26
C LYS A 483 29.82 14.57 11.88
N GLY A 484 28.82 13.70 11.59
CA GLY A 484 28.84 12.32 12.00
C GLY A 484 28.38 12.04 13.40
N GLU A 485 28.12 13.06 14.21
CA GLU A 485 27.80 12.88 15.61
C GLU A 485 26.29 12.93 15.81
N LYS A 486 25.72 11.85 16.31
CA LYS A 486 24.31 11.84 16.66
C LYS A 486 24.05 12.79 17.81
N MET A 487 22.97 13.56 17.71
CA MET A 487 22.59 14.45 18.79
C MET A 487 21.14 14.88 18.64
N GLU A 488 20.49 15.12 19.77
CA GLU A 488 19.06 15.37 19.79
C GLU A 488 18.71 16.76 19.26
N LYS A 489 19.52 17.77 19.59
CA LYS A 489 19.29 19.14 19.17
C LYS A 489 20.51 19.66 18.42
N LEU A 490 20.29 20.63 17.53
CA LEU A 490 21.40 21.24 16.84
C LEU A 490 22.23 22.07 17.80
N PRO A 491 23.53 22.27 17.51
CA PRO A 491 24.39 23.06 18.40
C PRO A 491 23.86 24.47 18.63
N ASP A 492 24.41 25.10 19.68
CA ASP A 492 24.04 26.45 20.17
C ASP A 492 22.87 26.35 21.14
N ALA B 7 -13.95 36.30 27.81
CA ALA B 7 -13.38 37.08 26.71
C ALA B 7 -12.33 36.25 25.90
N PHE B 8 -12.77 35.61 24.79
CA PHE B 8 -11.98 34.62 24.08
C PHE B 8 -11.40 35.18 22.79
N ASP B 9 -10.13 34.85 22.54
CA ASP B 9 -9.53 35.17 21.25
C ASP B 9 -10.27 34.49 20.11
N LEU B 10 -10.73 33.26 20.35
CA LEU B 10 -11.37 32.41 19.35
C LEU B 10 -12.37 31.50 20.03
N VAL B 11 -13.60 31.51 19.55
CA VAL B 11 -14.60 30.53 19.92
C VAL B 11 -14.84 29.63 18.71
N VAL B 12 -14.71 28.32 18.92
CA VAL B 12 -14.91 27.32 17.85
C VAL B 12 -16.21 26.58 18.12
N ILE B 13 -17.12 26.60 17.14
CA ILE B 13 -18.35 25.82 17.22
C ILE B 13 -18.13 24.52 16.43
N GLY B 14 -17.98 23.44 17.19
CA GLY B 14 -17.78 22.09 16.63
C GLY B 14 -16.39 21.60 16.96
N ALA B 15 -16.30 20.60 17.83
CA ALA B 15 -15.00 20.07 18.21
C ALA B 15 -14.63 18.88 17.32
N GLY B 16 -14.61 19.13 16.01
CA GLY B 16 -14.27 18.06 15.08
C GLY B 16 -12.89 18.16 14.48
N SER B 17 -12.75 17.62 13.27
CA SER B 17 -11.43 17.53 12.63
C SER B 17 -10.81 18.91 12.43
N GLY B 18 -11.52 19.79 11.76
CA GLY B 18 -11.01 21.14 11.55
C GLY B 18 -11.02 21.97 12.83
N GLY B 19 -12.08 21.87 13.64
CA GLY B 19 -12.21 22.76 14.79
C GLY B 19 -11.17 22.51 15.87
N LEU B 20 -10.87 21.24 16.14
CA LEU B 20 -9.88 20.91 17.16
C LEU B 20 -8.48 21.27 16.72
N GLU B 21 -8.19 21.21 15.42
CA GLU B 21 -6.86 21.57 14.97
C GLU B 21 -6.67 23.07 15.09
N ALA B 22 -7.70 23.83 14.70
CA ALA B 22 -7.66 25.28 14.88
C ALA B 22 -7.51 25.63 16.36
N GLY B 23 -8.34 25.02 17.20
CA GLY B 23 -8.32 25.35 18.61
C GLY B 23 -7.00 25.04 19.28
N TRP B 24 -6.51 23.79 19.11
CA TRP B 24 -5.23 23.40 19.67
C TRP B 24 -4.10 24.31 19.18
N ASN B 25 -4.02 24.54 17.88
CA ASN B 25 -2.94 25.36 17.36
C ASN B 25 -3.00 26.78 17.90
N ALA B 26 -4.20 27.36 17.96
CA ALA B 26 -4.33 28.73 18.44
C ALA B 26 -3.88 28.86 19.90
N ALA B 27 -4.20 27.86 20.73
CA ALA B 27 -3.81 27.90 22.14
C ALA B 27 -2.34 27.55 22.35
N THR B 28 -1.83 26.50 21.68
CA THR B 28 -0.49 25.99 22.00
C THR B 28 0.61 26.60 21.15
N LEU B 29 0.31 27.04 19.93
CA LEU B 29 1.32 27.71 19.11
C LEU B 29 1.39 29.20 19.36
N TYR B 30 0.26 29.84 19.62
CA TYR B 30 0.19 31.30 19.69
C TYR B 30 -0.36 31.80 21.02
N GLY B 31 -0.47 30.93 22.01
CA GLY B 31 -0.83 31.32 23.37
C GLY B 31 -2.19 31.95 23.50
N LYS B 32 -3.08 31.74 22.53
CA LYS B 32 -4.37 32.41 22.55
C LYS B 32 -5.34 31.69 23.49
N ARG B 33 -6.42 32.40 23.83
CA ARG B 33 -7.45 31.88 24.73
C ARG B 33 -8.62 31.37 23.88
N VAL B 34 -8.97 30.09 24.07
CA VAL B 34 -9.81 29.39 23.10
C VAL B 34 -10.93 28.67 23.83
N ALA B 35 -12.14 28.84 23.32
CA ALA B 35 -13.26 28.01 23.69
C ALA B 35 -13.66 27.14 22.51
N VAL B 36 -14.05 25.90 22.79
CA VAL B 36 -14.53 24.96 21.79
C VAL B 36 -15.84 24.36 22.29
N VAL B 37 -16.88 24.41 21.44
CA VAL B 37 -18.21 23.90 21.80
C VAL B 37 -18.53 22.61 21.02
N ASP B 38 -19.13 21.64 21.71
CA ASP B 38 -19.71 20.48 21.04
C ASP B 38 -20.86 19.94 21.89
N VAL B 39 -21.72 19.14 21.24
CA VAL B 39 -22.98 18.72 21.85
C VAL B 39 -22.88 17.44 22.66
N GLN B 40 -21.74 16.77 22.65
CA GLN B 40 -21.59 15.49 23.34
C GLN B 40 -20.11 15.29 23.63
N THR B 41 -19.81 14.68 24.77
CA THR B 41 -18.42 14.41 25.11
C THR B 41 -17.97 13.02 24.67
N SER B 42 -18.88 12.16 24.25
CA SER B 42 -18.48 10.86 23.77
C SER B 42 -19.49 10.39 22.73
N HIS B 43 -19.05 9.40 21.93
CA HIS B 43 -19.77 8.99 20.73
C HIS B 43 -21.17 8.46 21.05
N GLY B 44 -22.05 8.58 20.06
CA GLY B 44 -23.22 7.73 19.96
C GLY B 44 -24.54 8.49 19.98
N PRO B 45 -25.62 7.73 19.97
CA PRO B 45 -26.96 8.34 20.12
C PRO B 45 -27.02 9.17 21.38
N PRO B 46 -27.79 10.27 21.38
CA PRO B 46 -28.67 10.71 20.28
C PRO B 46 -28.04 11.57 19.18
N PHE B 47 -26.90 12.19 19.39
CA PHE B 47 -26.35 13.12 18.40
C PHE B 47 -25.20 12.55 17.56
N TYR B 48 -24.72 11.33 17.88
CA TYR B 48 -23.75 10.54 17.11
C TYR B 48 -22.37 11.15 17.10
N ALA B 49 -22.20 12.28 16.41
CA ALA B 49 -20.94 13.00 16.50
C ALA B 49 -20.78 13.60 17.90
N ALA B 50 -19.55 13.91 18.25
CA ALA B 50 -19.21 14.33 19.60
C ALA B 50 -17.82 14.94 19.55
N LEU B 51 -17.31 15.24 20.71
CA LEU B 51 -15.89 15.58 20.86
C LEU B 51 -15.05 14.63 20.02
N GLY B 52 -14.31 15.22 19.06
CA GLY B 52 -13.47 14.50 18.11
C GLY B 52 -13.99 14.58 16.69
N GLY B 53 -15.28 14.81 16.53
CA GLY B 53 -15.90 15.10 15.25
C GLY B 53 -16.56 13.89 14.61
N THR B 54 -16.94 14.08 13.34
CA THR B 54 -17.61 12.99 12.63
C THR B 54 -16.64 11.85 12.36
N CYS B 55 -15.41 12.20 12.02
CA CYS B 55 -14.43 11.20 11.61
C CYS B 55 -14.09 10.27 12.76
N VAL B 56 -13.87 10.84 13.95
CA VAL B 56 -13.54 10.02 15.10
C VAL B 56 -14.73 9.17 15.55
N ASN B 57 -15.94 9.73 15.55
CA ASN B 57 -17.09 9.12 16.22
C ASN B 57 -17.98 8.26 15.31
N VAL B 58 -18.29 8.74 14.11
CA VAL B 58 -19.16 8.01 13.20
C VAL B 58 -18.67 8.22 11.76
N GLY B 59 -17.36 8.15 11.57
CA GLY B 59 -16.81 8.35 10.24
C GLY B 59 -15.58 7.52 9.97
N CYS B 60 -14.49 8.17 9.55
CA CYS B 60 -13.32 7.45 9.04
C CYS B 60 -12.84 6.37 10.00
N VAL B 61 -12.73 6.70 11.28
CA VAL B 61 -12.07 5.80 12.23
C VAL B 61 -12.88 4.53 12.48
N PRO B 62 -14.13 4.61 12.93
CA PRO B 62 -14.89 3.37 13.11
C PRO B 62 -15.21 2.66 11.80
N LYS B 63 -15.48 3.37 10.69
CA LYS B 63 -15.77 2.65 9.45
C LYS B 63 -14.53 1.86 8.97
N LYS B 64 -13.32 2.40 9.14
CA LYS B 64 -12.13 1.66 8.74
C LYS B 64 -11.97 0.40 9.58
N LEU B 65 -12.19 0.50 10.91
CA LEU B 65 -12.20 -0.69 11.74
C LEU B 65 -13.20 -1.71 11.23
N MET B 66 -14.39 -1.26 10.83
CA MET B 66 -15.43 -2.21 10.44
C MET B 66 -15.18 -2.83 9.05
N VAL B 67 -14.60 -2.07 8.12
CA VAL B 67 -14.16 -2.61 6.83
C VAL B 67 -13.07 -3.65 7.03
N THR B 68 -12.09 -3.33 7.90
CA THR B 68 -11.06 -4.29 8.26
C THR B 68 -11.68 -5.59 8.76
N GLY B 69 -12.68 -5.47 9.63
CA GLY B 69 -13.38 -6.68 10.09
C GLY B 69 -14.04 -7.41 8.94
N ALA B 70 -14.70 -6.67 8.05
CA ALA B 70 -15.39 -7.25 6.92
C ALA B 70 -14.42 -8.00 5.99
N GLN B 71 -13.18 -7.55 5.88
CA GLN B 71 -12.21 -8.14 4.95
C GLN B 71 -11.88 -9.57 5.34
N TYR B 72 -12.07 -9.93 6.63
CA TYR B 72 -11.85 -11.30 7.09
C TYR B 72 -12.75 -12.30 6.39
N MET B 73 -13.92 -11.88 5.91
CA MET B 73 -14.72 -12.83 5.17
C MET B 73 -13.95 -13.30 3.95
N ASP B 74 -13.32 -12.37 3.23
CA ASP B 74 -12.50 -12.73 2.08
C ASP B 74 -11.24 -13.50 2.52
N HIS B 75 -10.56 -13.07 3.58
CA HIS B 75 -9.34 -13.77 4.00
C HIS B 75 -9.61 -15.21 4.38
N LEU B 76 -10.66 -15.46 5.20
CA LEU B 76 -10.98 -16.83 5.57
C LEU B 76 -11.21 -17.68 4.33
N ARG B 77 -11.95 -17.16 3.34
CA ARG B 77 -12.25 -17.95 2.14
C ARG B 77 -10.99 -18.14 1.29
N GLU B 78 -10.18 -17.09 1.15
CA GLU B 78 -9.02 -17.13 0.26
C GLU B 78 -7.89 -17.98 0.85
N SER B 79 -7.85 -18.14 2.17
CA SER B 79 -6.81 -18.91 2.83
C SER B 79 -6.76 -20.33 2.29
N ALA B 80 -7.90 -20.85 1.83
CA ALA B 80 -7.98 -22.24 1.41
C ALA B 80 -7.07 -22.51 0.23
N GLY B 81 -6.95 -21.56 -0.69
CA GLY B 81 -6.09 -21.76 -1.84
C GLY B 81 -4.62 -21.84 -1.49
N PHE B 82 -4.25 -21.42 -0.29
CA PHE B 82 -2.88 -21.49 0.17
C PHE B 82 -2.69 -22.61 1.16
N GLY B 83 -3.66 -23.50 1.24
CA GLY B 83 -3.57 -24.70 2.05
C GLY B 83 -4.20 -24.62 3.43
N TRP B 84 -4.84 -23.52 3.79
CA TRP B 84 -5.43 -23.44 5.11
C TRP B 84 -6.76 -24.15 5.15
N GLU B 85 -6.99 -24.92 6.19
CA GLU B 85 -8.31 -25.51 6.39
C GLU B 85 -8.80 -25.26 7.81
N PHE B 86 -10.12 -25.23 7.97
CA PHE B 86 -10.76 -25.16 9.27
C PHE B 86 -12.24 -25.50 9.03
N ASP B 87 -12.95 -25.72 10.12
CA ASP B 87 -14.36 -26.11 10.07
C ASP B 87 -15.20 -24.92 9.63
N GLY B 88 -15.58 -24.89 8.36
CA GLY B 88 -16.33 -23.75 7.86
C GLY B 88 -17.69 -23.60 8.50
N SER B 89 -18.32 -24.71 8.91
CA SER B 89 -19.62 -24.62 9.56
C SER B 89 -19.52 -24.05 10.97
N SER B 90 -18.33 -23.93 11.54
CA SER B 90 -18.24 -23.28 12.83
C SER B 90 -18.10 -21.76 12.71
N VAL B 91 -18.11 -21.20 11.51
CA VAL B 91 -17.72 -19.81 11.32
C VAL B 91 -18.93 -18.92 11.59
N LYS B 92 -18.73 -17.94 12.46
CA LYS B 92 -19.73 -16.90 12.70
C LYS B 92 -19.03 -15.54 12.74
N ALA B 93 -19.68 -14.55 12.14
CA ALA B 93 -19.22 -13.17 12.21
C ALA B 93 -20.05 -12.47 13.28
N ASN B 94 -19.42 -12.16 14.40
CA ASN B 94 -20.13 -11.68 15.58
C ASN B 94 -20.12 -10.16 15.54
N TRP B 95 -21.20 -9.60 14.99
CA TRP B 95 -21.38 -8.16 14.88
C TRP B 95 -21.31 -7.48 16.24
N LYS B 96 -21.91 -8.10 17.26
CA LYS B 96 -21.94 -7.43 18.56
C LYS B 96 -20.53 -7.25 19.07
N LYS B 97 -19.64 -8.23 18.86
CA LYS B 97 -18.27 -8.06 19.29
C LYS B 97 -17.59 -6.96 18.49
N LEU B 98 -17.85 -6.92 17.18
CA LEU B 98 -17.25 -5.87 16.33
C LEU B 98 -17.60 -4.49 16.84
N ILE B 99 -18.90 -4.22 17.03
CA ILE B 99 -19.37 -2.92 17.52
C ILE B 99 -18.81 -2.64 18.91
N ALA B 100 -18.73 -3.67 19.75
CA ALA B 100 -18.15 -3.47 21.09
C ALA B 100 -16.69 -3.07 21.01
N ALA B 101 -15.90 -3.71 20.15
CA ALA B 101 -14.50 -3.30 20.02
C ALA B 101 -14.37 -1.90 19.41
N LYS B 102 -15.21 -1.60 18.44
CA LYS B 102 -15.18 -0.28 17.83
C LYS B 102 -15.56 0.79 18.84
N ASN B 103 -16.65 0.55 19.59
CA ASN B 103 -17.09 1.51 20.60
C ASN B 103 -15.98 1.81 21.59
N GLU B 104 -15.25 0.77 22.03
CA GLU B 104 -14.18 1.04 22.98
C GLU B 104 -13.03 1.81 22.34
N ALA B 105 -12.69 1.50 21.09
CA ALA B 105 -11.65 2.30 20.41
C ALA B 105 -12.06 3.77 20.29
N VAL B 106 -13.32 4.03 19.92
CA VAL B 106 -13.75 5.42 19.78
C VAL B 106 -13.78 6.11 21.15
N LEU B 107 -14.32 5.44 22.17
CA LEU B 107 -14.36 6.03 23.50
C LEU B 107 -12.97 6.38 23.98
N ASP B 108 -11.99 5.53 23.71
CA ASP B 108 -10.62 5.86 24.10
C ASP B 108 -10.20 7.20 23.52
N ILE B 109 -10.56 7.47 22.27
CA ILE B 109 -10.17 8.75 21.68
C ILE B 109 -10.99 9.89 22.28
N ASN B 110 -12.30 9.68 22.46
CA ASN B 110 -13.12 10.64 23.16
C ASN B 110 -12.42 11.07 24.45
N LYS B 111 -11.99 10.09 25.26
CA LYS B 111 -11.39 10.37 26.56
C LYS B 111 -10.04 11.07 26.41
N SER B 112 -9.28 10.70 25.39
CA SER B 112 -8.00 11.36 25.18
C SER B 112 -8.21 12.85 24.95
N TYR B 113 -9.18 13.20 24.11
CA TYR B 113 -9.41 14.62 23.82
C TYR B 113 -9.95 15.35 25.05
N GLU B 114 -10.81 14.69 25.82
CA GLU B 114 -11.24 15.25 27.11
C GLU B 114 -10.04 15.60 27.96
N GLY B 115 -9.04 14.71 28.02
CA GLY B 115 -7.81 15.02 28.74
C GLY B 115 -7.03 16.18 28.14
N MET B 116 -7.03 16.27 26.81
CA MET B 116 -6.37 17.40 26.17
C MET B 116 -6.91 18.70 26.75
N PHE B 117 -8.23 18.85 26.78
CA PHE B 117 -8.84 20.06 27.30
C PHE B 117 -8.51 20.27 28.78
N ASN B 118 -8.56 19.20 29.57
CA ASN B 118 -8.35 19.35 31.01
C ASN B 118 -6.93 19.75 31.36
N ASP B 119 -5.98 19.60 30.44
CA ASP B 119 -4.56 19.73 30.74
C ASP B 119 -3.89 20.84 29.96
N THR B 120 -4.59 21.53 29.08
CA THR B 120 -4.01 22.52 28.20
C THR B 120 -4.57 23.88 28.59
N GLU B 121 -3.70 24.79 29.03
CA GLU B 121 -4.19 26.10 29.46
C GLU B 121 -4.55 26.94 28.23
N GLY B 122 -5.63 27.70 28.35
CA GLY B 122 -6.08 28.47 27.22
C GLY B 122 -6.95 27.70 26.26
N LEU B 123 -7.29 26.44 26.59
CA LEU B 123 -8.07 25.59 25.71
C LEU B 123 -9.19 24.96 26.51
N ASP B 124 -10.40 25.43 26.29
CA ASP B 124 -11.54 25.12 27.15
C ASP B 124 -12.69 24.59 26.32
N PHE B 125 -13.38 23.58 26.87
CA PHE B 125 -14.50 22.92 26.22
C PHE B 125 -15.83 23.29 26.89
N PHE B 126 -16.87 23.48 26.10
CA PHE B 126 -18.21 23.77 26.60
C PHE B 126 -19.20 22.81 25.96
N LEU B 127 -19.93 22.06 26.78
CA LEU B 127 -20.95 21.15 26.30
C LEU B 127 -22.26 21.89 26.05
N GLY B 128 -22.76 21.80 24.83
CA GLY B 128 -24.07 22.32 24.48
C GLY B 128 -24.12 22.66 23.01
N TRP B 129 -25.18 23.37 22.64
CA TRP B 129 -25.44 23.75 21.26
C TRP B 129 -25.07 25.21 21.03
N GLY B 130 -24.14 25.42 20.10
CA GLY B 130 -23.62 26.75 19.81
C GLY B 130 -24.40 27.37 18.67
N SER B 131 -24.65 28.67 18.79
CA SER B 131 -25.30 29.45 17.74
C SER B 131 -24.81 30.89 17.84
N LEU B 132 -25.03 31.63 16.77
CA LEU B 132 -24.59 33.02 16.66
C LEU B 132 -25.69 33.91 17.20
N GLU B 133 -25.44 34.52 18.34
CA GLU B 133 -26.34 35.55 18.85
C GLU B 133 -26.02 36.88 18.21
N SER B 134 -24.75 37.21 18.12
CA SER B 134 -24.31 38.43 17.45
C SER B 134 -22.91 38.19 16.89
N LYS B 135 -22.42 39.18 16.15
CA LYS B 135 -21.11 39.11 15.53
C LYS B 135 -20.00 38.79 16.53
N ASN B 136 -20.24 38.95 17.83
CA ASN B 136 -19.20 38.74 18.81
C ASN B 136 -19.61 37.83 19.96
N VAL B 137 -20.73 37.14 19.81
CA VAL B 137 -21.27 36.34 20.90
C VAL B 137 -21.72 35.00 20.33
N VAL B 138 -21.20 33.92 20.89
CA VAL B 138 -21.69 32.58 20.64
C VAL B 138 -22.49 32.18 21.86
N VAL B 139 -23.77 31.88 21.65
CA VAL B 139 -24.61 31.39 22.74
C VAL B 139 -24.62 29.86 22.70
N VAL B 140 -24.48 29.27 23.89
CA VAL B 140 -24.52 27.82 24.10
C VAL B 140 -25.79 27.50 24.87
N ARG B 141 -26.66 26.68 24.26
CA ARG B 141 -27.95 26.29 24.81
C ARG B 141 -27.98 24.80 25.15
N GLU B 142 -29.03 24.40 25.88
CA GLU B 142 -29.14 23.01 26.30
C GLU B 142 -29.44 22.09 25.14
N THR B 143 -30.16 22.57 24.13
CA THR B 143 -30.50 21.75 22.98
C THR B 143 -30.41 22.61 21.72
N ALA B 144 -30.67 21.97 20.56
CA ALA B 144 -30.70 22.66 19.27
C ALA B 144 -31.86 23.65 19.14
N ASP B 145 -32.87 23.55 19.99
CA ASP B 145 -34.00 24.48 20.01
C ASP B 145 -33.49 25.86 20.41
N PRO B 146 -33.65 26.89 19.57
CA PRO B 146 -33.20 28.24 19.96
C PRO B 146 -33.89 28.76 21.21
N LYS B 147 -35.06 28.22 21.58
CA LYS B 147 -35.76 28.61 22.80
C LYS B 147 -35.36 27.77 23.99
N SER B 148 -34.41 26.85 23.85
CA SER B 148 -33.95 26.10 25.00
C SER B 148 -33.06 26.97 25.87
N ALA B 149 -32.87 26.51 27.11
CA ALA B 149 -32.21 27.29 28.12
C ALA B 149 -30.77 27.58 27.74
N VAL B 150 -30.29 28.77 28.10
CA VAL B 150 -28.91 29.17 27.86
C VAL B 150 -28.03 28.61 28.96
N LYS B 151 -26.84 28.16 28.59
CA LYS B 151 -25.83 27.66 29.52
C LYS B 151 -24.69 28.62 29.68
N GLU B 152 -24.29 29.25 28.58
CA GLU B 152 -23.13 30.13 28.50
C GLU B 152 -23.40 31.07 27.34
N ARG B 153 -22.69 32.21 27.39
CA ARG B 153 -22.67 33.17 26.29
C ARG B 153 -21.22 33.58 26.15
N LEU B 154 -20.56 33.12 25.10
CA LEU B 154 -19.11 33.27 24.97
C LEU B 154 -18.80 34.48 24.12
N GLN B 155 -18.03 35.41 24.68
CA GLN B 155 -17.63 36.63 23.98
C GLN B 155 -16.36 36.32 23.17
N ALA B 156 -16.31 36.78 21.92
CA ALA B 156 -15.35 36.25 20.96
C ALA B 156 -14.79 37.33 20.05
N ASP B 157 -13.48 37.51 20.07
CA ASP B 157 -12.86 38.32 19.04
C ASP B 157 -13.01 37.66 17.66
N HIS B 158 -12.90 36.33 17.60
CA HIS B 158 -13.01 35.58 16.35
C HIS B 158 -13.89 34.36 16.55
N ILE B 159 -14.75 34.09 15.56
CA ILE B 159 -15.66 32.96 15.61
C ILE B 159 -15.35 32.02 14.44
N LEU B 160 -15.19 30.73 14.76
CA LEU B 160 -14.93 29.68 13.78
C LEU B 160 -16.14 28.77 13.66
N LEU B 161 -16.77 28.75 12.50
CA LEU B 161 -17.86 27.81 12.24
C LEU B 161 -17.25 26.49 11.75
N ALA B 162 -17.33 25.43 12.57
CA ALA B 162 -16.78 24.12 12.15
C ALA B 162 -17.70 22.96 12.57
N THR B 163 -18.95 23.01 12.15
CA THR B 163 -19.97 22.06 12.57
C THR B 163 -20.19 20.90 11.60
N GLY B 164 -19.45 20.82 10.50
CA GLY B 164 -19.47 19.62 9.67
C GLY B 164 -20.69 19.57 8.78
N SER B 165 -21.09 18.34 8.48
CA SER B 165 -22.18 18.08 7.55
C SER B 165 -23.12 17.05 8.20
N TRP B 166 -24.16 16.62 7.51
CA TRP B 166 -25.16 15.74 8.10
C TRP B 166 -25.79 14.92 7.00
N PRO B 167 -26.28 13.71 7.27
CA PRO B 167 -26.87 12.91 6.19
C PRO B 167 -28.08 13.60 5.56
N GLN B 168 -28.12 13.59 4.24
CA GLN B 168 -29.29 14.00 3.49
C GLN B 168 -30.36 12.91 3.52
N MET B 169 -31.62 13.31 3.65
CA MET B 169 -32.72 12.34 3.64
C MET B 169 -33.78 12.82 2.67
N PRO B 170 -34.22 11.98 1.74
CA PRO B 170 -35.26 12.40 0.81
C PRO B 170 -36.61 12.48 1.51
N ALA B 171 -37.50 13.28 0.92
CA ALA B 171 -38.87 13.49 1.42
C ALA B 171 -39.81 12.46 0.79
N ILE B 172 -39.78 11.24 1.35
CA ILE B 172 -40.66 10.18 0.88
C ILE B 172 -41.50 9.71 2.06
N PRO B 173 -42.70 9.22 1.82
CA PRO B 173 -43.47 8.63 2.90
C PRO B 173 -42.71 7.45 3.50
N GLY B 174 -42.61 7.43 4.82
CA GLY B 174 -41.93 6.37 5.52
C GLY B 174 -40.44 6.60 5.72
N ILE B 175 -39.94 7.79 5.42
CA ILE B 175 -38.51 8.07 5.59
C ILE B 175 -38.09 7.81 7.02
N GLU B 176 -39.02 7.90 7.98
CA GLU B 176 -38.62 7.75 9.37
C GLU B 176 -38.15 6.33 9.68
N HIS B 177 -38.57 5.34 8.90
CA HIS B 177 -38.13 3.98 9.13
C HIS B 177 -36.76 3.70 8.52
N CYS B 178 -36.13 4.67 7.90
CA CYS B 178 -34.82 4.53 7.27
C CYS B 178 -33.77 5.09 8.18
N ILE B 179 -32.61 4.46 8.21
CA ILE B 179 -31.50 4.97 8.96
C ILE B 179 -30.55 5.72 8.04
N SER B 180 -29.54 6.34 8.62
CA SER B 180 -28.38 6.89 7.94
C SER B 180 -27.15 6.14 8.43
N SER B 181 -25.96 6.54 7.94
CA SER B 181 -24.74 5.92 8.44
C SER B 181 -24.60 6.09 9.96
N ASN B 182 -25.15 7.17 10.50
CA ASN B 182 -25.06 7.41 11.95
C ASN B 182 -25.60 6.21 12.72
N GLU B 183 -26.81 5.78 12.40
CA GLU B 183 -27.44 4.69 13.14
C GLU B 183 -26.86 3.32 12.78
N ALA B 184 -26.25 3.18 11.59
CA ALA B 184 -25.67 1.91 11.19
C ALA B 184 -24.57 1.48 12.13
N PHE B 185 -23.82 2.44 12.68
CA PHE B 185 -22.77 2.20 13.63
C PHE B 185 -23.28 1.62 14.94
N TYR B 186 -24.61 1.60 15.17
CA TYR B 186 -25.19 1.21 16.46
C TYR B 186 -26.31 0.21 16.30
N LEU B 187 -26.47 -0.38 15.13
CA LEU B 187 -27.47 -1.42 15.01
C LEU B 187 -27.21 -2.54 16.03
N PRO B 188 -28.21 -2.95 16.81
CA PRO B 188 -27.96 -4.02 17.80
C PRO B 188 -27.68 -5.37 17.16
N GLU B 189 -28.21 -5.66 15.97
CA GLU B 189 -27.98 -6.90 15.26
C GLU B 189 -27.58 -6.58 13.83
N PRO B 190 -26.75 -7.42 13.20
CA PRO B 190 -26.47 -7.20 11.78
C PRO B 190 -27.69 -7.56 10.96
N PRO B 191 -28.09 -6.70 10.05
CA PRO B 191 -29.30 -6.99 9.27
C PRO B 191 -29.11 -8.15 8.30
N ARG B 192 -30.12 -9.00 8.22
CA ARG B 192 -30.09 -10.11 7.27
C ARG B 192 -30.27 -9.59 5.85
N ARG B 193 -31.16 -8.62 5.68
CA ARG B 193 -31.45 -7.98 4.40
C ARG B 193 -31.28 -6.49 4.58
N VAL B 194 -30.45 -5.88 3.74
CA VAL B 194 -30.24 -4.44 3.83
C VAL B 194 -30.25 -3.87 2.42
N LEU B 195 -30.83 -2.68 2.31
CA LEU B 195 -30.80 -1.83 1.13
C LEU B 195 -30.05 -0.59 1.52
N THR B 196 -28.91 -0.33 0.86
CA THR B 196 -28.23 0.94 0.98
C THR B 196 -28.62 1.74 -0.24
N VAL B 197 -28.99 2.98 -0.01
CA VAL B 197 -29.56 3.84 -1.02
C VAL B 197 -28.52 4.92 -1.33
N GLY B 198 -28.06 4.93 -2.58
CA GLY B 198 -27.10 5.90 -3.04
C GLY B 198 -25.91 5.25 -3.72
N GLY B 199 -25.23 5.99 -4.60
CA GLY B 199 -24.07 5.49 -5.30
C GLY B 199 -22.71 5.95 -4.78
N GLY B 200 -22.68 6.77 -3.72
CA GLY B 200 -21.44 7.37 -3.21
C GLY B 200 -20.67 6.45 -2.28
N PHE B 201 -19.58 6.98 -1.73
CA PHE B 201 -18.63 6.09 -1.08
C PHE B 201 -19.19 5.44 0.18
N ILE B 202 -20.09 6.13 0.88
CA ILE B 202 -20.59 5.61 2.14
C ILE B 202 -21.50 4.44 1.88
N SER B 203 -22.36 4.55 0.88
CA SER B 203 -23.20 3.42 0.51
C SER B 203 -22.34 2.21 0.13
N VAL B 204 -21.36 2.41 -0.75
CA VAL B 204 -20.48 1.31 -1.16
C VAL B 204 -19.73 0.72 0.03
N GLU B 205 -19.12 1.57 0.88
CA GLU B 205 -18.37 1.03 2.01
C GLU B 205 -19.24 0.21 2.95
N PHE B 206 -20.43 0.71 3.27
CA PHE B 206 -21.33 -0.01 4.17
C PHE B 206 -21.95 -1.22 3.51
N ALA B 207 -22.15 -1.22 2.18
CA ALA B 207 -22.58 -2.48 1.55
C ALA B 207 -21.57 -3.58 1.78
N GLY B 208 -20.27 -3.25 1.74
CA GLY B 208 -19.25 -4.25 2.04
C GLY B 208 -19.25 -4.71 3.48
N ILE B 209 -19.47 -3.79 4.43
CA ILE B 209 -19.51 -4.15 5.85
C ILE B 209 -20.66 -5.10 6.14
N PHE B 210 -21.88 -4.73 5.71
CA PHE B 210 -23.07 -5.57 5.95
C PHE B 210 -22.96 -6.90 5.22
N ASN B 211 -22.26 -6.90 4.08
CA ASN B 211 -22.19 -8.13 3.31
C ASN B 211 -21.39 -9.17 4.06
N ALA B 212 -20.42 -8.72 4.85
CA ALA B 212 -19.56 -9.65 5.59
C ALA B 212 -20.19 -10.13 6.89
N TYR B 213 -20.99 -9.29 7.56
CA TYR B 213 -21.52 -9.66 8.87
C TYR B 213 -22.96 -10.13 8.83
N LYS B 214 -23.57 -10.19 7.67
CA LYS B 214 -24.96 -10.59 7.62
C LYS B 214 -25.13 -12.04 8.08
N PRO B 215 -26.25 -12.36 8.72
CA PRO B 215 -26.51 -13.75 9.12
C PRO B 215 -26.83 -14.62 7.93
N PRO B 216 -26.89 -15.93 8.12
CA PRO B 216 -27.25 -16.83 7.02
C PRO B 216 -28.57 -16.45 6.36
N GLY B 217 -28.62 -16.71 5.06
CA GLY B 217 -29.78 -16.36 4.25
C GLY B 217 -29.84 -14.90 3.89
N GLY B 218 -28.78 -14.16 4.11
CA GLY B 218 -28.83 -12.72 3.94
C GLY B 218 -28.43 -12.22 2.56
N LYS B 219 -28.76 -10.95 2.30
CA LYS B 219 -28.57 -10.33 1.00
C LYS B 219 -28.42 -8.83 1.18
N VAL B 220 -27.34 -8.26 0.64
CA VAL B 220 -27.17 -6.81 0.60
C VAL B 220 -27.52 -6.31 -0.79
N THR B 221 -28.39 -5.30 -0.85
CA THR B 221 -28.76 -4.65 -2.10
C THR B 221 -28.39 -3.17 -2.01
N LEU B 222 -27.71 -2.67 -3.05
CA LEU B 222 -27.39 -1.26 -3.17
C LEU B 222 -28.16 -0.74 -4.35
N CYS B 223 -28.91 0.34 -4.16
CA CYS B 223 -29.63 0.97 -5.26
C CYS B 223 -29.11 2.36 -5.50
N TYR B 224 -29.19 2.78 -6.76
CA TYR B 224 -28.71 4.08 -7.19
C TYR B 224 -29.64 4.58 -8.28
N ARG B 225 -30.01 5.86 -8.19
CA ARG B 225 -31.05 6.42 -9.05
C ARG B 225 -30.58 6.52 -10.51
N ASN B 226 -29.27 6.56 -10.76
CA ASN B 226 -28.76 6.62 -12.12
C ASN B 226 -28.06 5.32 -12.53
N ASN B 227 -27.28 5.39 -13.60
CA ASN B 227 -26.86 4.21 -14.34
C ASN B 227 -25.60 3.54 -13.79
N LEU B 228 -24.76 4.28 -13.08
CA LEU B 228 -23.43 3.80 -12.70
C LEU B 228 -23.02 4.46 -11.39
N ILE B 229 -22.68 3.64 -10.39
CA ILE B 229 -22.35 4.13 -9.07
C ILE B 229 -21.03 4.89 -9.11
N LEU B 230 -20.75 5.57 -7.99
CA LEU B 230 -19.48 6.27 -7.72
C LEU B 230 -19.19 7.37 -8.74
N ARG B 231 -20.26 8.12 -9.05
CA ARG B 231 -20.12 9.38 -9.76
C ARG B 231 -18.98 10.22 -9.23
N GLY B 232 -18.21 10.78 -10.15
CA GLY B 232 -17.05 11.56 -9.83
C GLY B 232 -15.75 10.80 -9.73
N PHE B 233 -15.79 9.47 -9.73
CA PHE B 233 -14.58 8.66 -9.78
C PHE B 233 -14.31 8.26 -11.22
N ASP B 234 -13.06 7.91 -11.49
CA ASP B 234 -12.68 7.39 -12.80
C ASP B 234 -13.69 6.33 -13.28
N GLU B 235 -14.07 6.41 -14.57
CA GLU B 235 -15.19 5.61 -15.05
C GLU B 235 -14.83 4.13 -15.21
N THR B 236 -13.61 3.82 -15.65
CA THR B 236 -13.13 2.44 -15.64
C THR B 236 -13.26 1.84 -14.24
N ILE B 237 -12.89 2.60 -13.23
CA ILE B 237 -12.97 2.09 -11.85
C ILE B 237 -14.43 1.93 -11.43
N ARG B 238 -15.30 2.87 -11.81
CA ARG B 238 -16.72 2.72 -11.47
C ARG B 238 -17.28 1.40 -12.02
N GLU B 239 -16.96 1.08 -13.26
CA GLU B 239 -17.50 -0.16 -13.82
C GLU B 239 -16.93 -1.39 -13.16
N GLU B 240 -15.64 -1.36 -12.87
CA GLU B 240 -14.97 -2.55 -12.39
C GLU B 240 -15.29 -2.80 -10.93
N VAL B 241 -15.46 -1.74 -10.13
CA VAL B 241 -15.87 -1.94 -8.75
C VAL B 241 -17.30 -2.48 -8.70
N THR B 242 -18.16 -2.01 -9.60
CA THR B 242 -19.49 -2.61 -9.71
C THR B 242 -19.43 -4.11 -9.90
N LYS B 243 -18.58 -4.57 -10.83
CA LYS B 243 -18.43 -5.98 -11.11
C LYS B 243 -17.90 -6.74 -9.91
N GLN B 244 -16.91 -6.19 -9.23
CA GLN B 244 -16.29 -6.91 -8.12
C GLN B 244 -17.17 -6.93 -6.88
N LEU B 245 -18.01 -5.91 -6.68
CA LEU B 245 -19.04 -6.01 -5.64
C LEU B 245 -20.04 -7.11 -5.98
N THR B 246 -20.52 -7.13 -7.21
CA THR B 246 -21.43 -8.20 -7.65
C THR B 246 -20.80 -9.56 -7.44
N ALA B 247 -19.52 -9.69 -7.74
CA ALA B 247 -18.84 -10.98 -7.59
C ALA B 247 -18.80 -11.46 -6.15
N ASN B 248 -18.85 -10.55 -5.18
CA ASN B 248 -18.87 -10.94 -3.78
C ASN B 248 -20.28 -11.00 -3.22
N GLY B 249 -21.29 -11.02 -4.07
CA GLY B 249 -22.64 -11.33 -3.65
C GLY B 249 -23.54 -10.14 -3.38
N ILE B 250 -23.05 -8.93 -3.61
CA ILE B 250 -23.87 -7.73 -3.46
C ILE B 250 -24.68 -7.52 -4.73
N GLU B 251 -25.96 -7.21 -4.57
CA GLU B 251 -26.83 -6.89 -5.68
C GLU B 251 -26.86 -5.38 -5.88
N ILE B 252 -26.48 -4.94 -7.08
CA ILE B 252 -26.43 -3.53 -7.42
C ILE B 252 -27.59 -3.22 -8.35
N MET B 253 -28.44 -2.32 -7.89
CA MET B 253 -29.74 -2.04 -8.49
C MET B 253 -29.71 -0.59 -8.96
N THR B 254 -29.23 -0.37 -10.19
CA THR B 254 -29.12 0.93 -10.82
C THR B 254 -30.42 1.35 -11.50
N ASN B 255 -30.54 2.65 -11.74
CA ASN B 255 -31.77 3.25 -12.25
C ASN B 255 -33.00 2.87 -11.44
N GLU B 256 -32.83 2.78 -10.12
CA GLU B 256 -33.94 2.61 -9.18
C GLU B 256 -33.76 3.58 -8.02
N ASN B 257 -34.89 3.97 -7.42
CA ASN B 257 -34.91 4.93 -6.35
C ASN B 257 -36.15 4.69 -5.50
N PRO B 258 -36.02 4.60 -4.18
CA PRO B 258 -37.21 4.38 -3.33
C PRO B 258 -38.22 5.52 -3.42
N ALA B 259 -39.49 5.12 -3.53
CA ALA B 259 -40.61 6.05 -3.51
C ALA B 259 -41.34 6.06 -2.18
N LYS B 260 -41.31 4.94 -1.45
CA LYS B 260 -41.93 4.91 -0.13
C LYS B 260 -41.46 3.68 0.62
N VAL B 261 -41.64 3.73 1.94
CA VAL B 261 -41.28 2.67 2.85
C VAL B 261 -42.39 2.54 3.88
N SER B 262 -42.81 1.30 4.15
CA SER B 262 -43.73 1.04 5.26
C SER B 262 -43.21 -0.13 6.09
N LEU B 263 -43.80 -0.29 7.26
CA LEU B 263 -43.46 -1.38 8.19
C LEU B 263 -44.29 -2.61 7.92
N ASN B 264 -43.62 -3.74 7.81
CA ASN B 264 -44.27 -5.04 7.82
C ASN B 264 -44.63 -5.43 9.25
N THR B 265 -45.44 -6.47 9.37
CA THR B 265 -45.94 -6.84 10.70
C THR B 265 -44.85 -7.45 11.56
N ASP B 266 -43.71 -7.82 10.96
CA ASP B 266 -42.59 -8.25 11.78
C ASP B 266 -41.63 -7.13 12.11
N GLY B 267 -41.92 -5.89 11.70
CA GLY B 267 -40.99 -4.79 11.94
C GLY B 267 -39.97 -4.56 10.83
N SER B 268 -39.92 -5.45 9.85
CA SER B 268 -39.08 -5.22 8.69
C SER B 268 -39.73 -4.14 7.82
N LYS B 269 -39.02 -3.70 6.79
CA LYS B 269 -39.42 -2.57 5.96
C LYS B 269 -39.80 -3.04 4.57
N HIS B 270 -40.91 -2.49 4.05
CA HIS B 270 -41.40 -2.80 2.72
C HIS B 270 -41.11 -1.58 1.86
N VAL B 271 -40.17 -1.70 0.93
CA VAL B 271 -39.72 -0.59 0.10
C VAL B 271 -40.43 -0.66 -1.24
N THR B 272 -41.05 0.43 -1.65
CA THR B 272 -41.60 0.54 -2.99
C THR B 272 -40.76 1.55 -3.77
N PHE B 273 -40.31 1.13 -4.93
CA PHE B 273 -39.49 1.97 -5.80
C PHE B 273 -40.37 2.78 -6.76
N GLU B 274 -39.79 3.85 -7.31
CA GLU B 274 -40.51 4.67 -8.30
C GLU B 274 -40.95 3.82 -9.49
N SER B 275 -40.16 2.80 -9.86
CA SER B 275 -40.52 1.91 -10.95
C SER B 275 -41.66 0.97 -10.59
N GLY B 276 -42.12 0.97 -9.34
CA GLY B 276 -43.12 0.02 -8.91
C GLY B 276 -42.58 -1.28 -8.37
N LYS B 277 -41.28 -1.59 -8.56
CA LYS B 277 -40.67 -2.73 -7.88
C LYS B 277 -40.78 -2.57 -6.37
N THR B 278 -40.72 -3.70 -5.66
CA THR B 278 -40.76 -3.70 -4.20
C THR B 278 -39.68 -4.61 -3.64
N LEU B 279 -39.31 -4.36 -2.39
CA LEU B 279 -38.26 -5.14 -1.75
C LEU B 279 -38.49 -5.11 -0.24
N ASP B 280 -38.46 -6.27 0.43
CA ASP B 280 -38.50 -6.29 1.88
C ASP B 280 -37.09 -6.44 2.45
N VAL B 281 -36.74 -5.59 3.40
CA VAL B 281 -35.43 -5.64 4.03
C VAL B 281 -35.59 -5.34 5.50
N ASP B 282 -34.58 -5.73 6.25
CA ASP B 282 -34.52 -5.46 7.68
C ASP B 282 -34.03 -4.05 7.98
N VAL B 283 -33.28 -3.44 7.06
CA VAL B 283 -32.68 -2.11 7.26
C VAL B 283 -32.63 -1.40 5.91
N VAL B 284 -33.10 -0.16 5.89
CA VAL B 284 -32.93 0.76 4.76
C VAL B 284 -32.00 1.87 5.20
N MET B 285 -30.81 1.94 4.58
CA MET B 285 -29.80 2.92 4.96
C MET B 285 -29.70 3.94 3.83
N MET B 286 -30.11 5.17 4.12
CA MET B 286 -30.04 6.26 3.16
C MET B 286 -28.63 6.84 3.19
N ALA B 287 -27.94 6.79 2.06
CA ALA B 287 -26.61 7.37 1.94
C ALA B 287 -26.53 8.12 0.62
N ILE B 288 -27.48 9.04 0.42
CA ILE B 288 -27.60 9.77 -0.84
C ILE B 288 -26.82 11.08 -0.84
N GLY B 289 -26.19 11.46 0.25
CA GLY B 289 -25.41 12.67 0.28
C GLY B 289 -25.30 13.15 1.70
N ARG B 290 -24.38 14.09 1.91
CA ARG B 290 -24.18 14.78 3.18
C ARG B 290 -24.27 16.28 2.93
N ILE B 291 -25.00 16.99 3.78
CA ILE B 291 -25.21 18.42 3.57
C ILE B 291 -24.61 19.25 4.70
N PRO B 292 -24.12 20.45 4.42
CA PRO B 292 -23.52 21.26 5.48
C PRO B 292 -24.52 21.56 6.58
N ARG B 293 -24.01 21.57 7.81
CA ARG B 293 -24.84 21.55 8.99
C ARG B 293 -24.97 22.99 9.52
N THR B 294 -25.89 23.73 8.91
CA THR B 294 -26.02 25.17 9.13
C THR B 294 -27.25 25.59 9.93
N ASN B 295 -28.30 24.76 9.97
CA ASN B 295 -29.61 25.19 10.45
C ASN B 295 -29.58 25.67 11.89
N ASP B 296 -28.94 24.92 12.79
CA ASP B 296 -29.00 25.23 14.20
C ASP B 296 -28.18 26.46 14.59
N LEU B 297 -27.40 27.03 13.67
CA LEU B 297 -26.44 28.08 14.01
C LEU B 297 -27.04 29.49 14.04
N GLN B 298 -28.29 29.66 13.66
CA GLN B 298 -28.94 30.98 13.62
C GLN B 298 -28.09 31.97 12.83
N LEU B 299 -27.64 31.54 11.64
CA LEU B 299 -26.76 32.40 10.86
C LEU B 299 -27.46 33.70 10.42
N GLY B 300 -28.78 33.66 10.23
CA GLY B 300 -29.53 34.85 9.87
C GLY B 300 -29.44 35.95 10.91
N ASN B 301 -29.10 35.63 12.16
CA ASN B 301 -28.93 36.68 13.15
C ASN B 301 -27.88 37.69 12.70
N VAL B 302 -26.71 37.21 12.26
CA VAL B 302 -25.59 38.08 11.91
C VAL B 302 -25.38 38.20 10.42
N GLY B 303 -26.19 37.55 9.60
CA GLY B 303 -26.06 37.67 8.15
C GLY B 303 -24.95 36.90 7.45
N VAL B 304 -24.50 35.76 7.98
CA VAL B 304 -23.48 34.99 7.26
C VAL B 304 -24.07 34.41 5.99
N LYS B 305 -23.42 34.68 4.86
CA LYS B 305 -23.96 34.29 3.56
C LYS B 305 -23.69 32.82 3.22
N LEU B 306 -24.67 32.19 2.56
CA LEU B 306 -24.59 30.81 2.11
C LEU B 306 -24.46 30.74 0.60
N THR B 307 -23.78 29.70 0.12
CA THR B 307 -23.74 29.45 -1.31
C THR B 307 -25.08 28.90 -1.74
N PRO B 308 -25.35 28.87 -3.04
CA PRO B 308 -26.66 28.37 -3.49
C PRO B 308 -26.97 26.96 -3.04
N LYS B 309 -25.94 26.14 -2.85
CA LYS B 309 -26.12 24.75 -2.43
C LYS B 309 -26.05 24.56 -0.93
N GLY B 310 -26.00 25.64 -0.14
CA GLY B 310 -26.12 25.55 1.29
C GLY B 310 -24.84 25.60 2.08
N GLY B 311 -23.68 25.63 1.43
CA GLY B 311 -22.46 25.83 2.18
C GLY B 311 -22.35 27.24 2.72
N VAL B 312 -21.60 27.41 3.81
CA VAL B 312 -21.18 28.75 4.22
C VAL B 312 -20.18 29.26 3.17
N GLN B 313 -20.49 30.39 2.55
CA GLN B 313 -19.58 30.98 1.57
C GLN B 313 -18.32 31.45 2.27
N VAL B 314 -17.16 31.10 1.71
CA VAL B 314 -15.88 31.57 2.23
C VAL B 314 -15.00 31.97 1.06
N ASP B 315 -13.95 32.70 1.38
CA ASP B 315 -12.91 32.99 0.40
C ASP B 315 -11.75 32.02 0.65
N GLU B 316 -10.64 32.23 -0.04
CA GLU B 316 -9.53 31.28 -0.01
C GLU B 316 -8.92 31.18 1.37
N PHE B 317 -9.14 32.18 2.23
CA PHE B 317 -8.64 32.15 3.60
C PHE B 317 -9.72 31.78 4.59
N SER B 318 -10.84 31.23 4.13
CA SER B 318 -11.91 30.70 4.98
C SER B 318 -12.71 31.81 5.67
N ARG B 319 -12.71 33.04 5.10
CA ARG B 319 -13.43 34.17 5.67
C ARG B 319 -14.84 34.23 5.11
N THR B 320 -15.82 34.34 6.00
CA THR B 320 -17.18 34.67 5.60
C THR B 320 -17.24 36.13 5.20
N ASN B 321 -18.45 36.59 4.84
CA ASN B 321 -18.73 38.00 4.59
C ASN B 321 -18.82 38.84 5.87
N VAL B 322 -18.72 38.26 7.04
CA VAL B 322 -18.76 38.97 8.31
C VAL B 322 -17.36 38.98 8.91
N PRO B 323 -16.80 40.15 9.25
CA PRO B 323 -15.32 40.28 9.35
C PRO B 323 -14.56 39.28 10.20
N ASN B 324 -14.94 39.04 11.46
CA ASN B 324 -14.16 38.12 12.28
C ASN B 324 -14.86 36.75 12.44
N ILE B 325 -15.57 36.32 11.40
CA ILE B 325 -16.28 35.03 11.38
C ILE B 325 -15.75 34.20 10.22
N TYR B 326 -15.26 33.00 10.54
CA TYR B 326 -14.68 32.10 9.55
C TYR B 326 -15.45 30.77 9.52
N ALA B 327 -15.14 29.96 8.50
CA ALA B 327 -15.78 28.66 8.29
C ALA B 327 -14.79 27.74 7.60
N ILE B 328 -14.60 26.54 8.15
CA ILE B 328 -13.75 25.51 7.56
C ILE B 328 -14.51 24.19 7.56
N GLY B 329 -13.96 23.21 6.84
CA GLY B 329 -14.43 21.85 6.93
C GLY B 329 -15.66 21.62 6.10
N ASP B 330 -16.42 20.58 6.48
CA ASP B 330 -17.54 20.20 5.62
C ASP B 330 -18.59 21.29 5.52
N ILE B 331 -18.70 22.17 6.54
CA ILE B 331 -19.75 23.20 6.45
C ILE B 331 -19.55 24.11 5.24
N THR B 332 -18.33 24.19 4.69
CA THR B 332 -18.11 24.93 3.46
C THR B 332 -18.44 24.14 2.19
N ASP B 333 -18.87 22.89 2.31
CA ASP B 333 -19.42 22.10 1.20
C ASP B 333 -18.47 22.05 0.01
N ARG B 334 -17.18 21.89 0.26
CA ARG B 334 -16.24 21.69 -0.84
C ARG B 334 -15.78 20.23 -0.89
N LEU B 335 -14.54 19.97 -0.49
CA LEU B 335 -14.04 18.61 -0.31
C LEU B 335 -14.32 18.18 1.12
N MET B 336 -15.19 17.19 1.28
CA MET B 336 -15.59 16.77 2.62
C MET B 336 -14.66 15.66 3.06
N LEU B 337 -13.46 16.06 3.49
CA LEU B 337 -12.44 15.13 3.89
C LEU B 337 -11.83 15.63 5.17
N THR B 338 -11.46 14.70 6.05
CA THR B 338 -10.88 15.09 7.34
C THR B 338 -9.55 15.81 7.18
N PRO B 339 -8.60 15.33 6.37
CA PRO B 339 -7.31 16.03 6.30
C PRO B 339 -7.42 17.41 5.68
N VAL B 340 -8.38 17.63 4.78
CA VAL B 340 -8.64 18.96 4.25
C VAL B 340 -9.13 19.90 5.36
N ALA B 341 -10.10 19.43 6.17
CA ALA B 341 -10.59 20.27 7.26
C ALA B 341 -9.47 20.59 8.24
N ILE B 342 -8.63 19.61 8.57
CA ILE B 342 -7.48 19.86 9.43
C ILE B 342 -6.57 20.94 8.81
N ASN B 343 -6.33 20.85 7.50
CA ASN B 343 -5.41 21.78 6.84
C ASN B 343 -6.01 23.19 6.80
N GLU B 344 -7.30 23.27 6.54
CA GLU B 344 -8.00 24.56 6.54
C GLU B 344 -7.95 25.20 7.92
N GLY B 345 -8.19 24.40 8.97
CA GLY B 345 -8.11 24.91 10.32
C GLY B 345 -6.73 25.45 10.67
N ALA B 346 -5.67 24.69 10.33
CA ALA B 346 -4.33 25.12 10.73
C ALA B 346 -3.91 26.39 9.99
N ALA B 347 -4.20 26.45 8.70
CA ALA B 347 -3.88 27.62 7.90
C ALA B 347 -4.65 28.84 8.41
N LEU B 348 -5.93 28.67 8.75
CA LEU B 348 -6.71 29.80 9.24
C LEU B 348 -6.07 30.39 10.48
N VAL B 349 -5.67 29.54 11.41
CA VAL B 349 -5.03 30.04 12.62
C VAL B 349 -3.71 30.72 12.29
N ASP B 350 -2.87 30.11 11.42
CA ASP B 350 -1.61 30.73 11.04
C ASP B 350 -1.83 32.14 10.51
N THR B 351 -2.89 32.31 9.73
CA THR B 351 -3.19 33.60 9.11
C THR B 351 -3.66 34.62 10.15
N VAL B 352 -4.63 34.22 10.96
CA VAL B 352 -5.28 35.14 11.89
C VAL B 352 -4.35 35.49 13.05
N PHE B 353 -3.67 34.51 13.62
CA PHE B 353 -2.91 34.68 14.85
C PHE B 353 -1.41 34.56 14.68
N GLY B 354 -0.93 34.22 13.48
CA GLY B 354 0.46 33.87 13.33
C GLY B 354 1.24 34.84 12.46
N ASN B 355 0.55 35.67 11.68
CA ASN B 355 1.20 36.61 10.78
C ASN B 355 1.92 35.92 9.63
N LYS B 356 1.46 34.73 9.25
CA LYS B 356 1.98 34.00 8.10
C LYS B 356 0.79 33.53 7.27
N PRO B 357 0.27 34.39 6.38
CA PRO B 357 -0.92 34.02 5.60
C PRO B 357 -0.72 32.69 4.89
N ARG B 358 -1.61 31.74 5.19
CA ARG B 358 -1.59 30.41 4.61
C ARG B 358 -2.99 30.11 4.11
N LYS B 359 -3.07 29.49 2.93
CA LYS B 359 -4.35 29.05 2.40
C LYS B 359 -4.24 27.61 1.94
N THR B 360 -5.33 26.87 2.10
CA THR B 360 -5.34 25.45 1.73
C THR B 360 -5.43 25.30 0.21
N ASP B 361 -4.57 24.46 -0.35
CA ASP B 361 -4.65 24.07 -1.74
C ASP B 361 -5.64 22.92 -1.87
N HIS B 362 -6.77 23.14 -2.56
CA HIS B 362 -7.78 22.10 -2.71
C HIS B 362 -7.63 21.28 -3.98
N THR B 363 -6.57 21.48 -4.77
CA THR B 363 -6.32 20.66 -5.96
C THR B 363 -5.34 19.53 -5.61
N ARG B 364 -5.37 18.48 -6.41
CA ARG B 364 -4.41 17.37 -6.26
C ARG B 364 -4.42 16.74 -4.86
N VAL B 365 -5.60 16.68 -4.23
CA VAL B 365 -5.74 16.05 -2.92
C VAL B 365 -6.02 14.57 -3.13
N ALA B 366 -5.19 13.73 -2.52
CA ALA B 366 -5.37 12.28 -2.56
C ALA B 366 -6.49 11.89 -1.60
N SER B 367 -7.31 10.91 -2.02
CA SER B 367 -8.34 10.35 -1.15
C SER B 367 -8.53 8.86 -1.47
N ALA B 368 -9.35 8.20 -0.65
CA ALA B 368 -9.53 6.76 -0.76
C ALA B 368 -11.00 6.41 -0.55
N VAL B 369 -11.38 5.23 -1.00
CA VAL B 369 -12.66 4.60 -0.66
C VAL B 369 -12.32 3.21 -0.14
N PHE B 370 -12.72 2.91 1.10
CA PHE B 370 -12.46 1.59 1.67
C PHE B 370 -13.58 0.64 1.33
N SER B 371 -13.88 0.60 0.04
CA SER B 371 -14.67 -0.47 -0.52
C SER B 371 -13.82 -1.73 -0.52
N ILE B 372 -14.49 -2.84 -0.80
CA ILE B 372 -13.84 -4.12 -0.99
C ILE B 372 -14.15 -4.57 -2.39
N PRO B 373 -13.24 -4.33 -3.35
CA PRO B 373 -11.85 -3.86 -3.20
C PRO B 373 -11.77 -2.30 -3.09
N PRO B 374 -10.67 -1.74 -2.58
CA PRO B 374 -10.62 -0.30 -2.32
C PRO B 374 -10.14 0.55 -3.49
N ILE B 375 -10.35 1.86 -3.35
CA ILE B 375 -10.02 2.87 -4.35
C ILE B 375 -9.01 3.83 -3.75
N GLY B 376 -8.05 4.26 -4.58
CA GLY B 376 -7.15 5.35 -4.25
C GLY B 376 -7.08 6.33 -5.41
N THR B 377 -7.24 7.61 -5.15
CA THR B 377 -7.33 8.58 -6.24
C THR B 377 -6.69 9.92 -5.86
N CYS B 378 -6.11 10.58 -6.87
CA CYS B 378 -5.54 11.91 -6.69
C CYS B 378 -5.62 12.65 -8.02
N GLY B 379 -6.25 13.83 -8.01
CA GLY B 379 -6.25 14.70 -9.17
C GLY B 379 -7.43 14.39 -10.05
N LEU B 380 -7.31 14.82 -11.31
CA LEU B 380 -8.44 14.87 -12.24
C LEU B 380 -8.73 13.52 -12.89
N ILE B 381 -10.03 13.22 -13.05
CA ILE B 381 -10.46 12.18 -13.95
C ILE B 381 -10.44 12.71 -15.37
N GLU B 382 -10.49 11.79 -16.33
CA GLU B 382 -10.11 12.14 -17.69
C GLU B 382 -11.15 13.04 -18.37
N GLU B 383 -12.44 12.86 -18.07
CA GLU B 383 -13.44 13.68 -18.75
C GLU B 383 -13.43 15.13 -18.24
N VAL B 384 -12.90 15.37 -17.03
CA VAL B 384 -12.69 16.74 -16.57
C VAL B 384 -11.42 17.32 -17.20
N ALA B 385 -10.31 16.57 -17.17
CA ALA B 385 -9.07 17.00 -17.84
C ALA B 385 -9.32 17.33 -19.31
N ALA B 386 -10.10 16.49 -20.00
CA ALA B 386 -10.43 16.72 -21.39
C ALA B 386 -11.12 18.05 -21.65
N LYS B 387 -11.73 18.65 -20.63
CA LYS B 387 -12.39 19.93 -20.81
C LYS B 387 -11.48 21.10 -20.52
N GLU B 388 -10.39 20.88 -19.77
CA GLU B 388 -9.46 21.93 -19.38
C GLU B 388 -8.17 21.92 -20.19
N PHE B 389 -7.90 20.88 -20.96
CA PHE B 389 -6.62 20.73 -21.64
C PHE B 389 -6.90 20.23 -23.04
N GLU B 390 -6.15 20.75 -24.01
CA GLU B 390 -6.45 20.44 -25.40
C GLU B 390 -6.05 19.02 -25.77
N LYS B 391 -4.94 18.53 -25.22
CA LYS B 391 -4.48 17.17 -25.51
C LYS B 391 -4.30 16.44 -24.19
N VAL B 392 -5.08 15.38 -23.99
CA VAL B 392 -4.99 14.56 -22.79
C VAL B 392 -4.63 13.14 -23.17
N ALA B 393 -3.67 12.56 -22.48
CA ALA B 393 -3.31 11.15 -22.63
C ALA B 393 -3.76 10.37 -21.40
N VAL B 394 -4.30 9.19 -21.65
CA VAL B 394 -4.73 8.27 -20.59
C VAL B 394 -3.89 7.01 -20.69
N TYR B 395 -3.14 6.72 -19.62
CA TYR B 395 -2.42 5.46 -19.49
C TYR B 395 -3.23 4.52 -18.60
N MET B 396 -3.38 3.26 -19.02
CA MET B 396 -4.30 2.35 -18.37
C MET B 396 -3.68 0.97 -18.37
N SER B 397 -3.68 0.35 -17.19
CA SER B 397 -3.29 -1.04 -17.04
C SER B 397 -4.22 -1.74 -16.06
N SER B 398 -4.62 -2.95 -16.42
CA SER B 398 -5.43 -3.82 -15.58
C SER B 398 -4.71 -5.16 -15.49
N PHE B 399 -4.71 -5.78 -14.30
CA PHE B 399 -4.04 -7.08 -14.18
C PHE B 399 -4.57 -7.79 -12.94
N THR B 400 -4.31 -9.10 -12.88
CA THR B 400 -4.65 -9.88 -11.71
C THR B 400 -3.45 -10.01 -10.81
N PRO B 401 -3.47 -9.52 -9.58
CA PRO B 401 -2.35 -9.76 -8.69
C PRO B 401 -2.04 -11.25 -8.62
N LEU B 402 -0.75 -11.57 -8.49
CA LEU B 402 -0.30 -12.97 -8.46
C LEU B 402 -1.17 -13.83 -7.53
N MET B 403 -1.37 -13.36 -6.28
CA MET B 403 -2.07 -14.21 -5.30
C MET B 403 -3.48 -14.59 -5.77
N HIS B 404 -4.13 -13.77 -6.58
CA HIS B 404 -5.50 -14.12 -6.96
C HIS B 404 -5.57 -15.07 -8.15
N ASN B 405 -4.44 -15.53 -8.67
CA ASN B 405 -4.44 -16.75 -9.47
C ASN B 405 -4.54 -17.99 -8.60
N ILE B 406 -4.25 -17.88 -7.30
CA ILE B 406 -4.34 -18.98 -6.35
C ILE B 406 -5.52 -18.86 -5.40
N SER B 407 -5.95 -17.64 -5.07
CA SER B 407 -6.81 -17.44 -3.91
C SER B 407 -8.22 -17.91 -4.15
N GLY B 408 -8.60 -18.16 -5.39
CA GLY B 408 -9.99 -18.32 -5.73
C GLY B 408 -10.76 -17.05 -6.00
N SER B 409 -10.12 -15.88 -5.97
CA SER B 409 -10.84 -14.62 -6.25
C SER B 409 -10.30 -14.00 -7.54
N LYS B 410 -10.39 -14.74 -8.64
CA LYS B 410 -9.91 -14.30 -9.95
C LYS B 410 -10.54 -12.98 -10.37
N TYR B 411 -11.71 -12.64 -9.84
CA TYR B 411 -12.36 -11.40 -10.22
C TYR B 411 -11.65 -10.14 -9.69
N LYS B 412 -10.66 -10.28 -8.82
CA LYS B 412 -10.03 -9.14 -8.17
C LYS B 412 -8.92 -8.54 -9.03
N LYS B 413 -9.35 -7.93 -10.14
CA LYS B 413 -8.44 -7.16 -11.00
C LYS B 413 -8.01 -5.84 -10.35
N PHE B 414 -6.73 -5.54 -10.49
CA PHE B 414 -6.17 -4.27 -10.10
C PHE B 414 -6.18 -3.37 -11.32
N VAL B 415 -6.57 -2.11 -11.14
CA VAL B 415 -6.63 -1.14 -12.23
C VAL B 415 -5.77 0.05 -11.86
N ALA B 416 -4.88 0.45 -12.77
CA ALA B 416 -4.07 1.64 -12.62
C ALA B 416 -4.26 2.55 -13.83
N LYS B 417 -4.62 3.80 -13.58
CA LYS B 417 -4.80 4.79 -14.64
C LYS B 417 -4.05 6.07 -14.30
N ILE B 418 -3.35 6.61 -15.31
CA ILE B 418 -2.68 7.90 -15.20
C ILE B 418 -3.20 8.80 -16.30
N VAL B 419 -3.59 10.01 -15.92
CA VAL B 419 -4.12 11.03 -16.82
C VAL B 419 -3.08 12.14 -16.88
N THR B 420 -2.67 12.54 -18.08
CA THR B 420 -1.65 13.58 -18.23
C THR B 420 -2.12 14.67 -19.17
N ASN B 421 -1.52 15.85 -19.01
CA ASN B 421 -1.49 16.86 -20.07
C ASN B 421 -0.49 16.39 -21.12
N HIS B 422 -0.98 16.01 -22.30
CA HIS B 422 -0.06 15.42 -23.26
C HIS B 422 0.86 16.45 -23.92
N SER B 423 0.62 17.75 -23.73
CA SER B 423 1.53 18.76 -24.28
C SER B 423 2.89 18.73 -23.60
N ASP B 424 2.94 18.54 -22.28
CA ASP B 424 4.21 18.46 -21.58
C ASP B 424 4.36 17.23 -20.68
N GLY B 425 3.45 16.26 -20.75
CA GLY B 425 3.59 15.06 -19.94
C GLY B 425 3.21 15.20 -18.47
N THR B 426 2.67 16.35 -18.05
CA THR B 426 2.37 16.55 -16.64
C THR B 426 1.20 15.65 -16.20
N VAL B 427 1.38 14.94 -15.09
CA VAL B 427 0.36 14.04 -14.57
C VAL B 427 -0.72 14.88 -13.90
N LEU B 428 -1.94 14.77 -14.40
CA LEU B 428 -3.10 15.49 -13.88
C LEU B 428 -3.93 14.67 -12.90
N GLY B 429 -3.90 13.35 -13.02
CA GLY B 429 -4.67 12.48 -12.15
C GLY B 429 -4.12 11.07 -12.17
N VAL B 430 -4.25 10.40 -11.03
CA VAL B 430 -3.92 8.98 -10.88
C VAL B 430 -5.10 8.31 -10.16
N HIS B 431 -5.57 7.19 -10.71
CA HIS B 431 -6.73 6.45 -10.21
C HIS B 431 -6.38 4.96 -10.11
N LEU B 432 -6.59 4.38 -8.92
CA LEU B 432 -6.21 3.02 -8.61
C LEU B 432 -7.41 2.24 -8.04
N LEU B 433 -7.57 0.99 -8.45
CA LEU B 433 -8.54 0.09 -7.84
C LEU B 433 -7.84 -1.20 -7.47
N GLY B 434 -7.91 -1.58 -6.22
CA GLY B 434 -7.41 -2.88 -5.80
C GLY B 434 -6.73 -2.76 -4.45
N ASP B 435 -6.55 -3.90 -3.80
CA ASP B 435 -5.87 -3.92 -2.51
C ASP B 435 -4.55 -3.14 -2.55
N GLY B 436 -4.34 -2.33 -1.50
CA GLY B 436 -3.19 -1.45 -1.40
C GLY B 436 -3.40 -0.02 -1.92
N ALA B 437 -4.42 0.21 -2.73
CA ALA B 437 -4.61 1.50 -3.40
C ALA B 437 -4.63 2.69 -2.45
N PRO B 438 -5.36 2.67 -1.33
CA PRO B 438 -5.29 3.81 -0.41
C PRO B 438 -3.89 4.09 0.09
N GLU B 439 -3.07 3.05 0.33
CA GLU B 439 -1.73 3.31 0.84
C GLU B 439 -0.80 3.78 -0.28
N ILE B 440 -0.98 3.23 -1.49
CA ILE B 440 -0.16 3.60 -2.65
C ILE B 440 -0.32 5.09 -2.96
N ILE B 441 -1.56 5.59 -2.89
CA ILE B 441 -1.83 6.90 -3.44
C ILE B 441 -1.25 8.02 -2.59
N GLN B 442 -0.92 7.82 -1.32
CA GLN B 442 -0.47 8.94 -0.50
C GLN B 442 0.76 9.61 -1.13
N ALA B 443 1.80 8.80 -1.44
CA ALA B 443 3.00 9.41 -2.01
C ALA B 443 2.78 9.84 -3.44
N VAL B 444 1.75 9.32 -4.12
CA VAL B 444 1.40 9.91 -5.41
C VAL B 444 0.98 11.37 -5.24
N GLY B 445 0.33 11.70 -4.12
CA GLY B 445 -0.05 13.09 -3.87
C GLY B 445 1.16 14.00 -3.75
N VAL B 446 2.24 13.50 -3.13
CA VAL B 446 3.49 14.24 -3.10
C VAL B 446 4.01 14.46 -4.51
N CYS B 447 3.95 13.40 -5.34
CA CYS B 447 4.45 13.50 -6.71
C CYS B 447 3.73 14.61 -7.45
N LEU B 448 2.38 14.65 -7.34
CA LEU B 448 1.64 15.66 -8.07
C LEU B 448 1.93 17.09 -7.55
N ARG B 449 2.19 17.24 -6.26
CA ARG B 449 2.57 18.54 -5.75
C ARG B 449 3.89 19.00 -6.34
N LEU B 450 4.81 18.05 -6.60
CA LEU B 450 6.06 18.31 -7.33
C LEU B 450 5.87 18.36 -8.84
N ASN B 451 4.64 18.37 -9.33
CA ASN B 451 4.38 18.44 -10.78
C ASN B 451 5.11 17.35 -11.56
N ALA B 452 5.10 16.13 -11.02
CA ALA B 452 5.66 14.99 -11.74
C ALA B 452 5.06 14.85 -13.13
N LYS B 453 5.90 14.46 -14.06
CA LYS B 453 5.46 14.10 -15.39
C LYS B 453 5.43 12.58 -15.48
N ILE B 454 4.73 12.08 -16.50
CA ILE B 454 4.62 10.64 -16.68
C ILE B 454 6.01 10.01 -16.79
N SER B 455 6.97 10.73 -17.36
CA SER B 455 8.30 10.17 -17.54
C SER B 455 8.99 10.00 -16.19
N ASP B 456 8.60 10.83 -15.22
CA ASP B 456 9.12 10.64 -13.86
C ASP B 456 8.61 9.34 -13.24
N PHE B 457 7.43 8.87 -13.63
CA PHE B 457 6.99 7.57 -13.12
C PHE B 457 7.68 6.43 -13.86
N TYR B 458 7.71 6.48 -15.19
CA TYR B 458 8.22 5.28 -15.85
C TYR B 458 9.75 5.18 -15.89
N ASN B 459 10.48 6.24 -15.55
CA ASN B 459 11.93 6.13 -15.33
C ASN B 459 12.29 5.87 -13.89
N THR B 460 11.30 5.75 -13.00
CA THR B 460 11.57 5.25 -11.66
C THR B 460 11.57 3.72 -11.67
N ILE B 461 12.50 3.15 -10.96
CA ILE B 461 12.63 1.71 -10.93
C ILE B 461 11.58 1.11 -10.00
N GLY B 462 10.95 0.02 -10.46
CA GLY B 462 9.93 -0.66 -9.68
C GLY B 462 10.47 -1.34 -8.44
N VAL B 463 9.55 -1.48 -7.47
CA VAL B 463 9.67 -2.41 -6.35
C VAL B 463 8.85 -3.63 -6.70
N HIS B 464 9.47 -4.81 -6.63
CA HIS B 464 8.86 -5.99 -7.22
C HIS B 464 8.88 -7.12 -6.20
N PRO B 465 7.79 -7.89 -6.09
CA PRO B 465 6.48 -7.75 -6.73
C PRO B 465 5.54 -6.88 -5.89
N THR B 466 4.95 -5.85 -6.48
CA THR B 466 3.94 -5.02 -5.82
C THR B 466 2.91 -4.67 -6.86
N SER B 467 1.71 -4.27 -6.41
CA SER B 467 0.75 -3.69 -7.34
C SER B 467 1.19 -2.29 -7.77
N ALA B 468 1.82 -1.54 -6.86
CA ALA B 468 2.20 -0.15 -7.11
C ALA B 468 3.21 0.01 -8.24
N GLU B 469 4.11 -0.96 -8.46
CA GLU B 469 5.06 -0.82 -9.57
C GLU B 469 4.38 -0.70 -10.90
N GLU B 470 3.10 -1.06 -11.01
CA GLU B 470 2.42 -0.87 -12.28
C GLU B 470 2.41 0.60 -12.69
N LEU B 471 2.38 1.51 -11.70
CA LEU B 471 2.43 2.93 -12.01
C LEU B 471 3.75 3.35 -12.66
N CYS B 472 4.82 2.55 -12.53
CA CYS B 472 6.10 2.86 -13.15
C CYS B 472 6.33 2.10 -14.45
N SER B 473 5.32 1.42 -14.96
CA SER B 473 5.49 0.50 -16.07
C SER B 473 4.61 0.85 -17.26
N MET B 474 4.11 2.08 -17.33
CA MET B 474 3.22 2.52 -18.41
C MET B 474 3.92 3.68 -19.14
N ARG B 475 4.35 3.42 -20.37
CA ARG B 475 5.14 4.36 -21.15
C ARG B 475 4.39 4.92 -22.34
N THR B 476 3.31 4.28 -22.77
CA THR B 476 2.64 4.65 -24.00
C THR B 476 1.16 4.87 -23.72
N PRO B 477 0.59 6.00 -24.13
CA PRO B 477 -0.85 6.19 -23.93
C PRO B 477 -1.65 5.04 -24.52
N SER B 478 -2.71 4.65 -23.80
CA SER B 478 -3.71 3.74 -24.34
C SER B 478 -4.69 4.48 -25.23
N TYR B 479 -4.93 5.76 -24.97
CA TYR B 479 -5.81 6.57 -25.82
C TYR B 479 -5.66 8.02 -25.37
N TYR B 480 -6.37 8.92 -26.07
CA TYR B 480 -6.19 10.35 -25.89
C TYR B 480 -7.56 11.02 -25.93
N TYR B 481 -7.57 12.26 -25.45
CA TYR B 481 -8.63 13.21 -25.75
C TYR B 481 -7.99 14.42 -26.43
N VAL B 482 -8.53 14.81 -27.59
CA VAL B 482 -8.08 15.97 -28.35
C VAL B 482 -9.27 16.91 -28.49
N LYS B 483 -9.15 18.13 -27.98
CA LYS B 483 -10.28 19.05 -27.86
C LYS B 483 -11.50 18.34 -27.27
N GLY B 484 -11.26 17.50 -26.27
CA GLY B 484 -12.36 16.82 -25.60
C GLY B 484 -12.94 15.64 -26.33
N GLU B 485 -12.30 15.16 -27.38
CA GLU B 485 -12.79 14.03 -28.17
C GLU B 485 -11.91 12.82 -27.95
N LYS B 486 -12.53 11.68 -27.62
CA LYS B 486 -11.76 10.50 -27.31
C LYS B 486 -11.37 9.79 -28.61
N MET B 487 -10.09 9.46 -28.73
CA MET B 487 -9.59 8.71 -29.87
C MET B 487 -8.38 7.89 -29.44
N GLU B 488 -8.23 6.72 -30.06
CA GLU B 488 -7.16 5.83 -29.67
C GLU B 488 -5.81 6.34 -30.15
N LYS B 489 -5.78 7.13 -31.24
CA LYS B 489 -4.55 7.62 -31.82
C LYS B 489 -4.65 9.13 -32.04
N LEU B 490 -3.52 9.82 -31.88
CA LEU B 490 -3.52 11.25 -32.14
C LEU B 490 -3.62 11.52 -33.64
N PRO B 491 -4.20 12.67 -34.04
CA PRO B 491 -4.20 13.04 -35.46
C PRO B 491 -2.85 13.61 -35.88
PA FAD C . 18.11 -14.34 -13.56
O1A FAD C . 16.76 -13.81 -13.45
O2A FAD C . 18.63 -15.09 -12.34
O5B FAD C . 18.13 -15.26 -14.87
C5B FAD C . 19.32 -15.98 -15.28
C4B FAD C . 18.95 -17.19 -16.10
O4B FAD C . 20.16 -17.73 -16.65
C3B FAD C . 18.28 -18.34 -15.34
O3B FAD C . 16.98 -18.57 -15.88
C2B FAD C . 19.24 -19.53 -15.51
O2B FAD C . 18.56 -20.73 -15.77
C1B FAD C . 19.98 -19.12 -16.79
N9A FAD C . 21.31 -19.67 -16.99
C8A FAD C . 22.33 -19.77 -16.09
N7A FAD C . 23.46 -20.22 -16.61
C5A FAD C . 23.16 -20.39 -17.95
C6A FAD C . 23.93 -20.80 -19.06
N6A FAD C . 25.23 -21.11 -18.98
N1A FAD C . 23.31 -20.89 -20.26
C2A FAD C . 22.03 -20.53 -20.36
N3A FAD C . 21.23 -20.09 -19.38
C4A FAD C . 21.84 -20.05 -18.20
N1 FAD C . 14.40 -9.49 -6.51
C2 FAD C . 13.46 -8.52 -6.36
O2 FAD C . 13.51 -7.47 -7.02
N3 FAD C . 12.43 -8.72 -5.46
C4 FAD C . 12.21 -9.85 -4.70
O4 FAD C . 11.26 -9.93 -3.93
C4X FAD C . 13.23 -10.86 -4.85
N5 FAD C . 13.12 -11.93 -4.16
C5X FAD C . 14.06 -12.94 -4.37
C6 FAD C . 13.95 -14.12 -3.63
C7 FAD C . 14.88 -15.14 -3.79
C7M FAD C . 14.71 -16.38 -2.97
C8 FAD C . 15.95 -14.99 -4.69
C8M FAD C . 16.98 -16.09 -4.87
C9 FAD C . 16.06 -13.81 -5.43
C9A FAD C . 15.12 -12.80 -5.28
N10 FAD C . 15.21 -11.58 -5.97
C10 FAD C . 14.27 -10.60 -5.80
C1' FAD C . 16.32 -11.31 -6.90
C2' FAD C . 15.95 -11.54 -8.35
O2' FAD C . 15.41 -12.86 -8.45
C3' FAD C . 17.20 -11.38 -9.20
O3' FAD C . 17.85 -10.16 -8.85
C4' FAD C . 16.90 -11.41 -10.71
O4' FAD C . 16.28 -12.66 -11.02
C5' FAD C . 18.17 -11.24 -11.49
O5' FAD C . 17.90 -11.25 -12.91
P FAD C . 19.05 -11.57 -13.93
O1P FAD C . 18.48 -11.15 -15.27
O2P FAD C . 20.37 -11.00 -13.51
O3P FAD C . 19.14 -13.17 -13.90
N1 EPE D . 25.22 -27.31 -12.73
C2 EPE D . 26.20 -26.35 -13.30
C3 EPE D . 26.71 -25.41 -12.19
N4 EPE D . 25.62 -24.77 -11.46
C5 EPE D . 24.53 -25.62 -11.03
C6 EPE D . 24.06 -26.60 -12.11
C7 EPE D . 26.00 -23.73 -10.50
C8 EPE D . 27.10 -22.77 -11.04
O8 EPE D . 26.73 -22.28 -12.32
C9 EPE D . 24.76 -28.18 -13.82
C10 EPE D . 25.63 -29.43 -13.91
S EPE D . 25.27 -30.40 -15.42
O1S EPE D . 24.20 -31.35 -15.07
O2S EPE D . 24.79 -29.47 -16.48
O3S EPE D . 26.50 -31.12 -15.76
S SO4 E . 1.08 -14.59 19.12
O1 SO4 E . 0.17 -13.45 19.41
O2 SO4 E . 0.31 -15.84 19.05
O3 SO4 E . 1.80 -14.43 17.84
O4 SO4 E . 2.06 -14.64 20.21
S SO4 F . 25.43 5.03 -10.46
O1 SO4 F . 25.31 4.88 -9.00
O2 SO4 F . 24.36 4.27 -11.16
O3 SO4 F . 25.30 6.46 -10.76
O4 SO4 F . 26.79 4.60 -10.87
N M9S G . 8.65 -8.44 -20.76
C M9S G . 9.35 -8.93 -21.97
C1 M9S G . 10.08 -10.17 -21.50
C10 M9S G . 3.16 -13.70 -23.97
C11 M9S G . 3.13 -13.37 -25.32
C12 M9S G . 1.76 -15.22 -26.37
C13 M9S G . 0.32 -14.83 -26.70
C14 M9S G . -0.23 -13.77 -25.76
C15 M9S G . -1.73 -13.86 -25.96
C16 M9S G . -1.93 -15.24 -26.56
C17 M9S G . 2.82 -13.26 -27.52
C18 M9S G . 3.49 -12.13 -27.19
C19 M9S G . 3.69 -12.17 -25.78
C2 M9S G . 9.32 -10.66 -20.35
C20 M9S G . 4.31 -11.32 -24.87
C21 M9S G . 7.36 -6.82 -22.08
C22 M9S G . 6.05 -6.07 -22.27
C23 M9S G . 5.62 -5.43 -20.98
C24 M9S G . 5.49 -6.45 -19.89
C25 M9S G . 6.79 -7.24 -19.70
C3 M9S G . 8.81 -9.41 -19.67
C4 M9S G . 7.28 -7.91 -21.00
C5 M9S G . 6.37 -9.05 -21.43
C6 M9S G . 5.66 -9.88 -20.64
C7 M9S G . 5.05 -10.77 -22.57
C8 M9S G . 4.35 -11.65 -23.51
C9 M9S G . 3.76 -12.84 -23.08
N1 M9S G . 4.92 -10.85 -21.27
N2 M9S G . 2.58 -14.02 -26.40
N3 M9S G . -0.61 -15.90 -26.46
S M9S G . 6.10 -9.49 -23.09
N M9S H . 14.16 -33.21 -3.71
C M9S H . 13.58 -32.24 -2.79
C1 M9S H . 13.69 -30.95 -3.49
C10 M9S H . 10.55 -31.74 -10.55
C11 M9S H . 9.53 -30.83 -10.52
C12 M9S H . 8.98 -30.56 -12.95
C13 M9S H . 9.02 -29.18 -13.58
C14 M9S H . 7.70 -28.84 -14.20
C15 M9S H . 7.73 -29.60 -15.57
C16 M9S H . 9.20 -29.79 -15.86
C17 M9S H . 7.80 -29.53 -10.98
C18 M9S H . 7.93 -29.52 -9.64
C19 M9S H . 9.03 -30.33 -9.31
C2 M9S H . 14.88 -31.01 -4.14
C20 M9S H . 9.64 -30.73 -8.13
C21 M9S H . 12.23 -34.73 -3.33
C22 M9S H . 11.16 -35.56 -4.00
C23 M9S H . 11.75 -36.72 -4.73
C24 M9S H . 12.82 -36.30 -5.66
C25 M9S H . 13.84 -35.38 -5.00
C3 M9S H . 15.10 -32.44 -4.52
C4 M9S H . 13.21 -34.14 -4.35
C5 M9S H . 12.49 -33.32 -5.24
C6 M9S H . 11.50 -32.54 -4.82
C7 M9S H . 11.27 -32.16 -6.93
C8 M9S H . 10.65 -31.67 -8.16
C9 M9S H . 11.08 -32.18 -9.37
N1 M9S H . 10.81 -31.89 -5.74
N2 M9S H . 8.78 -30.32 -11.53
N3 M9S H . 9.95 -29.15 -14.77
S M9S H . 12.59 -33.22 -6.93
N M9S I . 0.36 -8.20 -30.57
C M9S I . -0.90 -8.87 -30.94
C1 M9S I . -2.00 -7.99 -30.35
C10 M9S I . 0.58 -10.97 -22.53
C11 M9S I . 1.29 -9.96 -21.88
C12 M9S I . 1.14 -10.64 -19.44
C13 M9S I . 1.84 -12.00 -19.37
C14 M9S I . 1.36 -12.80 -18.13
C15 M9S I . 2.56 -13.62 -17.66
C16 M9S I . 3.75 -12.99 -18.37
C17 M9S I . 2.25 -8.59 -20.39
C18 M9S I . 2.45 -8.02 -21.61
C19 M9S I . 1.85 -8.89 -22.58
C2 M9S I . -1.41 -6.66 -30.31
C20 M9S I . 1.71 -8.84 -23.98
C21 M9S I . 2.77 -8.25 -29.98
C22 M9S I . 3.65 -8.60 -31.18
C23 M9S I . 4.11 -10.04 -31.12
C24 M9S I . 2.99 -10.95 -30.64
C25 M9S I . 1.62 -10.30 -30.81
C3 M9S I . 0.03 -6.92 -29.92
C4 M9S I . 1.43 -9.02 -29.96
C5 M9S I . 1.06 -9.42 -28.51
C6 M9S I . 0.18 -10.36 -28.13
C7 M9S I . 0.83 -9.79 -26.10
C8 M9S I . 1.00 -9.84 -24.64
C9 M9S I . 0.44 -10.90 -23.91
N1 M9S I . 0.04 -10.57 -26.77
N2 M9S I . 1.55 -9.77 -20.53
N3 M9S I . 3.26 -11.79 -19.09
S M9S I . 1.77 -8.70 -27.10
PA FAD J . -16.77 17.32 11.97
O1A FAD J . -15.53 16.55 12.26
O2A FAD J . -18.04 16.71 11.35
O5B FAD J . -17.16 17.96 13.40
C5B FAD J . -18.34 18.79 13.55
C4B FAD J . -18.71 18.75 15.01
O4B FAD J . -19.65 19.80 15.30
C3B FAD J . -19.37 17.45 15.46
O3B FAD J . -18.60 16.86 16.50
C2B FAD J . -20.79 17.87 15.92
O2B FAD J . -21.17 17.15 17.08
C1B FAD J . -20.56 19.33 16.27
N9A FAD J . -21.70 20.23 16.19
C8A FAD J . -22.56 20.36 15.14
N7A FAD J . -23.42 21.34 15.30
C5A FAD J . -23.07 21.91 16.50
C6A FAD J . -23.58 23.00 17.23
N6A FAD J . -24.60 23.74 16.82
N1A FAD J . -22.99 23.30 18.41
C2A FAD J . -21.98 22.55 18.83
N3A FAD J . -21.40 21.50 18.23
C4A FAD J . -21.99 21.24 17.06
N1 FAD J . -13.09 11.59 5.61
C2 FAD J . -11.85 11.13 5.27
O2 FAD J . -10.90 11.89 5.05
N3 FAD J . -11.63 9.76 5.20
C4 FAD J . -12.56 8.78 5.43
O4 FAD J . -12.22 7.60 5.37
C4X FAD J . -13.88 9.30 5.76
N5 FAD J . -14.85 8.44 6.01
C5X FAD J . -16.08 8.93 6.37
C6 FAD J . -17.12 8.03 6.61
C7 FAD J . -18.39 8.46 6.95
C7M FAD J . -19.46 7.44 7.25
C8 FAD J . -18.64 9.85 7.06
C8M FAD J . -19.99 10.38 7.48
C9 FAD J . -17.61 10.76 6.80
C9A FAD J . -16.34 10.31 6.45
N10 FAD J . -15.28 11.20 6.14
C10 FAD J . -14.03 10.73 5.84
C1' FAD J . -15.49 12.65 6.21
C2' FAD J . -15.05 13.26 7.53
O2' FAD J . -15.77 12.65 8.61
C3' FAD J . -15.36 14.76 7.51
O3' FAD J . -14.90 15.30 6.27
C4' FAD J . -14.71 15.54 8.64
O4' FAD J . -15.09 14.96 9.88
C5' FAD J . -15.12 16.99 8.59
O5' FAD J . -14.56 17.69 9.71
P FAD J . -15.19 19.08 10.18
O1P FAD J . -14.18 19.85 11.03
O2P FAD J . -15.72 19.73 8.99
O3P FAD J . -16.42 18.60 11.11
N1 EPE K . 2.54 -7.28 -11.35
C2 EPE K . 1.66 -7.12 -12.52
C3 EPE K . 2.45 -6.96 -13.80
N4 EPE K . 3.46 -5.92 -13.68
C5 EPE K . 4.26 -5.95 -12.47
C6 EPE K . 3.42 -6.10 -11.22
C7 EPE K . 4.13 -5.57 -14.93
C8 EPE K . 4.87 -4.23 -14.88
O8 EPE K . 6.09 -4.35 -14.15
C9 EPE K . 1.72 -7.36 -10.14
C10 EPE K . 2.49 -8.04 -9.05
S EPE K . 1.52 -8.30 -7.55
O1S EPE K . 0.50 -7.27 -7.35
O2S EPE K . 0.94 -9.63 -7.65
O3S EPE K . 2.42 -8.23 -6.40
S SO4 L . -36.49 -13.48 2.04
O1 SO4 L . -36.67 -13.57 3.50
O2 SO4 L . -37.36 -14.46 1.37
O3 SO4 L . -35.08 -13.73 1.72
O4 SO4 L . -36.86 -12.13 1.57
N M9S M . -4.16 17.30 17.18
C M9S M . -4.51 18.56 17.84
C1 M9S M . -5.83 18.28 18.43
C10 M9S M . -4.28 14.38 24.92
C11 M9S M . -3.59 15.31 25.63
C12 M9S M . -3.97 14.59 28.01
C13 M9S M . -2.81 13.84 28.64
C14 M9S M . -1.61 13.65 27.78
C15 M9S M . -0.83 12.67 28.55
C16 M9S M . -1.91 11.88 29.27
C17 M9S M . -2.66 16.56 27.20
C18 M9S M . -2.33 17.12 26.03
C19 M9S M . -2.89 16.35 25.01
C2 M9S M . -6.42 17.65 17.54
C20 M9S M . -2.91 16.43 23.64
C21 M9S M . -1.95 17.59 18.28
C22 M9S M . -0.83 17.68 17.27
C23 M9S M . -0.28 16.37 17.01
C24 M9S M . -1.26 15.56 16.33
C25 M9S M . -2.51 15.37 17.18
C3 M9S M . -5.43 16.61 17.12
C4 M9S M . -3.06 16.61 17.90
C5 M9S M . -3.49 16.14 19.14
C6 M9S M . -3.97 14.94 19.40
C7 M9S M . -3.71 15.60 21.45
C8 M9S M . -3.63 15.51 22.91
C9 M9S M . -4.30 14.49 23.55
N1 M9S M . -4.10 14.61 20.69
N2 M9S M . -3.43 15.46 26.98
N3 M9S M . -3.16 12.53 28.88
S M9S M . -3.22 16.95 20.59
#